data_3FO9
#
_entry.id   3FO9
#
_cell.length_a   65.830
_cell.length_b   81.038
_cell.length_c   174.314
_cell.angle_alpha   90.000
_cell.angle_beta   90.000
_cell.angle_gamma   90.000
#
_symmetry.space_group_name_H-M   'P 21 21 21'
#
loop_
_entity.id
_entity.type
_entity.pdbx_description
1 polymer 'Immunoglobulin IGG2A - light chain'
2 polymer 'Immunoglobulin IGG2A - heavy chain'
3 non-polymer '5-{[4-(5-methyl-3-oxohex-4-en-1-yl)phenyl]amino}-5-oxopentanoic acid'
4 water water
#
loop_
_entity_poly.entity_id
_entity_poly.type
_entity_poly.pdbx_seq_one_letter_code
_entity_poly.pdbx_strand_id
1 'polypeptide(L)'
;ELVMTQTPLSLPVSLGDQASISCRSSQSLVHSYGNTFLNWYLQKSGQSPKLLIYKVSNRFSGVPDRFSGSGSGTDFTLKI
SRVEAEDLGVYFCSQGTHVPYTFGGGTKLEIKRADAAPTVSIFPPSSEQLTSGGASVVCFLNNFYPKDINVKWKIDGSER
QNGVLNSWTDQDSKDSTYSMSSTLTLTKDEYERHNSYTCEATHKTSTSPIVKSFNRNEC
;
L,A
2 'polypeptide(L)'
;EVKLEESGGGLVQPGGSMKLSCVVSGLTFSRFWMSWVRQSPEKGLEWVAEIRLKSDNYATHYAESVKGKFTISRDDSKSR
LYLQMNSLRTEDTGIYYCKIYFYSFSYWGQGTLVTVSAAKTTAPSVYPLAPVCGDTTGSSVTLGCLVKGYFPEPVTLTWN
SGSLSSGVHTFPAVLQSDLYTLSSSVTVTSSTWPSQSITCNVAHPASSTKVDKKIEPR
;
H,B
#
# COMPACT_ATOMS: atom_id res chain seq x y z
N GLU A 1 -36.69 10.29 -20.60
CA GLU A 1 -36.58 10.77 -19.19
C GLU A 1 -35.88 12.10 -19.14
N LEU A 2 -35.40 12.44 -17.94
CA LEU A 2 -34.77 13.70 -17.72
C LEU A 2 -33.29 13.73 -18.12
N VAL A 3 -33.01 14.53 -19.13
CA VAL A 3 -31.68 14.69 -19.68
C VAL A 3 -30.96 15.77 -18.86
N MET A 4 -29.77 15.45 -18.36
CA MET A 4 -28.93 16.42 -17.66
C MET A 4 -27.75 16.75 -18.57
N THR A 5 -27.65 18.02 -18.97
CA THR A 5 -26.65 18.49 -19.92
C THR A 5 -25.61 19.29 -19.14
N GLN A 6 -24.44 18.67 -18.93
CA GLN A 6 -23.35 19.25 -18.15
C GLN A 6 -22.22 19.79 -19.01
N THR A 7 -21.73 20.99 -18.66
CA THR A 7 -20.71 21.70 -19.44
C THR A 7 -19.79 22.46 -18.48
N PRO A 8 -18.48 22.55 -18.81
CA PRO A 8 -17.83 21.99 -19.99
C PRO A 8 -17.40 20.55 -19.73
N LEU A 9 -16.89 19.87 -20.76
CA LEU A 9 -16.27 18.54 -20.60
C LEU A 9 -14.99 18.56 -19.78
N SER A 10 -14.13 19.54 -20.03
CA SER A 10 -12.93 19.69 -19.22
C SER A 10 -12.73 21.13 -18.79
N LEU A 11 -12.12 21.30 -17.64
CA LEU A 11 -11.98 22.60 -17.02
C LEU A 11 -10.59 22.78 -16.42
N PRO A 12 -9.67 23.41 -17.18
CA PRO A 12 -8.34 23.80 -16.69
C PRO A 12 -8.43 25.03 -15.79
N VAL A 13 -7.82 24.94 -14.60
CA VAL A 13 -7.91 25.99 -13.56
C VAL A 13 -6.60 26.07 -12.74
N SER A 14 -6.09 27.30 -12.52
CA SER A 14 -4.94 27.52 -11.64
C SER A 14 -5.32 27.36 -10.18
N LEU A 15 -4.36 26.96 -9.34
CA LEU A 15 -4.61 26.91 -7.89
C LEU A 15 -5.02 28.29 -7.37
N GLY A 16 -5.96 28.32 -6.44
CA GLY A 16 -6.48 29.56 -5.89
C GLY A 16 -7.65 30.16 -6.66
N ASP A 17 -7.73 29.85 -7.96
CA ASP A 17 -8.81 30.29 -8.86
C ASP A 17 -10.15 29.65 -8.51
N GLN A 18 -11.24 30.15 -9.10
CA GLN A 18 -12.55 29.52 -8.95
C GLN A 18 -12.93 28.78 -10.24
N ALA A 19 -13.54 27.62 -10.07
CA ALA A 19 -14.04 26.85 -11.21
C ALA A 19 -15.57 26.84 -11.16
N SER A 20 -16.21 27.01 -12.31
CA SER A 20 -17.67 27.03 -12.45
C SER A 20 -18.18 25.94 -13.43
N ILE A 21 -19.00 25.03 -12.92
CA ILE A 21 -19.50 23.88 -13.69
C ILE A 21 -21.03 23.94 -13.75
N SER A 22 -21.59 23.79 -14.95
CA SER A 22 -23.03 23.93 -15.17
C SER A 22 -23.71 22.63 -15.59
N CYS A 23 -24.95 22.44 -15.11
CA CYS A 23 -25.84 21.36 -15.56
C CYS A 23 -27.19 21.98 -15.85
N ARG A 24 -27.79 21.61 -16.98
CA ARG A 24 -29.12 22.06 -17.35
C ARG A 24 -30.00 20.82 -17.46
N SER A 25 -31.18 20.83 -16.85
CA SER A 25 -32.10 19.70 -16.95
C SER A 25 -33.13 19.98 -18.03
N SER A 26 -33.79 18.93 -18.52
CA SER A 26 -34.81 19.12 -19.56
C SER A 26 -36.20 19.44 -19.00
N GLN A 27 -36.33 19.45 -17.66
CA GLN A 27 -37.56 19.85 -16.99
C GLN A 27 -37.27 20.22 -15.53
N SER A 28 -38.24 20.87 -14.90
CA SER A 28 -38.13 21.27 -13.50
C SER A 28 -37.77 20.07 -12.61
N LEU A 29 -36.89 20.30 -11.66
CA LEU A 29 -36.52 19.28 -10.68
C LEU A 29 -37.15 19.48 -9.30
N VAL A 30 -38.14 20.38 -9.21
CA VAL A 30 -38.80 20.63 -7.94
C VAL A 30 -39.64 19.39 -7.67
N HIS A 31 -39.40 18.72 -6.55
CA HIS A 31 -40.21 17.55 -6.15
C HIS A 31 -41.44 17.97 -5.34
N SER A 32 -41.21 18.88 -4.39
CA SER A 32 -42.23 19.39 -3.50
C SER A 32 -41.64 20.69 -2.95
N TYR A 33 -42.48 21.49 -2.28
CA TYR A 33 -42.00 22.76 -1.70
C TYR A 33 -40.79 22.50 -0.79
N GLY A 34 -39.72 23.25 -1.04
CA GLY A 34 -38.49 23.09 -0.29
C GLY A 34 -37.66 21.86 -0.65
N ASN A 35 -38.00 21.19 -1.73
CA ASN A 35 -37.26 19.99 -2.13
C ASN A 35 -36.99 20.00 -3.63
N THR A 36 -35.73 20.27 -3.99
CA THR A 36 -35.27 20.08 -5.36
C THR A 36 -34.05 19.15 -5.28
N PHE A 37 -34.20 17.92 -5.77
CA PHE A 37 -33.20 16.89 -5.56
C PHE A 37 -32.17 16.87 -6.66
N LEU A 38 -31.35 17.92 -6.70
CA LEU A 38 -30.19 17.98 -7.56
C LEU A 38 -28.93 17.85 -6.71
N ASN A 39 -28.09 16.87 -7.07
CA ASN A 39 -26.88 16.56 -6.33
C ASN A 39 -25.62 16.76 -7.17
N TRP A 40 -24.51 17.06 -6.50
CA TRP A 40 -23.20 17.16 -7.15
C TRP A 40 -22.27 16.16 -6.50
N TYR A 41 -21.48 15.48 -7.34
CA TYR A 41 -20.51 14.47 -6.92
C TYR A 41 -19.14 14.77 -7.45
N LEU A 42 -18.12 14.28 -6.73
CA LEU A 42 -16.77 14.21 -7.26
C LEU A 42 -16.28 12.77 -7.27
N GLN A 43 -15.74 12.35 -8.41
CA GLN A 43 -15.12 11.05 -8.54
C GLN A 43 -13.65 11.26 -8.84
N LYS A 44 -12.82 10.96 -7.85
CA LYS A 44 -11.37 11.03 -8.01
C LYS A 44 -10.90 9.76 -8.67
N SER A 45 -9.71 9.84 -9.26
CA SER A 45 -9.12 8.71 -9.96
C SER A 45 -9.06 7.47 -9.07
N GLY A 46 -9.59 6.37 -9.57
CA GLY A 46 -9.56 5.09 -8.89
C GLY A 46 -10.54 4.95 -7.73
N GLN A 47 -11.48 5.89 -7.63
CA GLN A 47 -12.43 5.91 -6.51
C GLN A 47 -13.89 5.93 -6.98
N SER A 48 -14.81 5.68 -6.06
CA SER A 48 -16.24 5.82 -6.35
C SER A 48 -16.68 7.29 -6.19
N PRO A 49 -17.81 7.69 -6.81
CA PRO A 49 -18.24 9.08 -6.61
C PRO A 49 -18.49 9.40 -5.13
N LYS A 50 -18.16 10.62 -4.72
CA LYS A 50 -18.44 11.09 -3.35
C LYS A 50 -19.36 12.33 -3.39
N LEU A 51 -20.37 12.36 -2.53
CA LEU A 51 -21.34 13.48 -2.47
C LEU A 51 -20.76 14.77 -1.91
N LEU A 52 -20.92 15.85 -2.68
CA LEU A 52 -20.43 17.18 -2.31
C LEU A 52 -21.56 18.11 -1.88
N ILE A 53 -22.57 18.21 -2.75
CA ILE A 53 -23.71 19.14 -2.60
C ILE A 53 -25.00 18.35 -2.82
N TYR A 54 -25.97 18.49 -1.91
CA TYR A 54 -27.27 17.84 -2.06
C TYR A 54 -28.40 18.87 -2.01
N LYS A 55 -29.56 18.54 -2.58
CA LYS A 55 -30.66 19.51 -2.66
C LYS A 55 -30.18 20.91 -3.08
N VAL A 56 -29.43 20.94 -4.18
CA VAL A 56 -28.97 22.16 -4.86
C VAL A 56 -27.82 22.93 -4.22
N SER A 57 -27.94 23.23 -2.92
CA SER A 57 -27.02 24.18 -2.29
C SER A 57 -26.45 23.71 -0.95
N ASN A 58 -26.93 22.57 -0.47
CA ASN A 58 -26.50 22.04 0.82
C ASN A 58 -25.18 21.25 0.76
N ARG A 59 -24.18 21.79 1.44
CA ARG A 59 -22.88 21.14 1.57
C ARG A 59 -22.96 19.87 2.41
N PHE A 60 -22.46 18.77 1.87
CA PHE A 60 -22.43 17.51 2.59
C PHE A 60 -21.44 17.59 3.74
N SER A 61 -21.69 16.81 4.79
CA SER A 61 -20.89 16.82 6.00
C SER A 61 -19.46 16.40 5.68
N GLY A 62 -18.53 17.35 5.85
CA GLY A 62 -17.11 17.12 5.57
C GLY A 62 -16.56 17.93 4.41
N VAL A 63 -17.45 18.54 3.63
CA VAL A 63 -17.09 19.30 2.44
C VAL A 63 -16.81 20.76 2.81
N PRO A 64 -15.65 21.32 2.39
CA PRO A 64 -15.35 22.74 2.66
C PRO A 64 -16.22 23.77 1.94
N ASP A 65 -16.26 24.98 2.48
CA ASP A 65 -17.08 26.08 1.97
C ASP A 65 -16.60 26.64 0.64
N ARG A 66 -15.38 26.25 0.27
CA ARG A 66 -14.85 26.45 -1.07
C ARG A 66 -15.84 25.91 -2.14
N PHE A 67 -16.67 24.94 -1.74
CA PHE A 67 -17.64 24.31 -2.64
C PHE A 67 -19.04 24.85 -2.41
N SER A 68 -19.64 25.42 -3.45
CA SER A 68 -21.00 25.93 -3.33
C SER A 68 -21.83 25.58 -4.56
N GLY A 69 -23.14 25.48 -4.37
CA GLY A 69 -24.05 25.18 -5.45
C GLY A 69 -25.26 26.08 -5.46
N SER A 70 -25.74 26.37 -6.68
CA SER A 70 -26.92 27.21 -6.86
C SER A 70 -27.78 26.67 -8.01
N GLY A 71 -28.92 27.30 -8.26
CA GLY A 71 -29.79 26.82 -9.32
C GLY A 71 -31.09 27.58 -9.36
N SER A 72 -31.51 27.93 -10.58
CA SER A 72 -32.78 28.63 -10.84
C SER A 72 -33.35 28.08 -12.14
N GLY A 73 -34.62 27.71 -12.08
CA GLY A 73 -35.28 27.00 -13.17
C GLY A 73 -34.56 25.68 -13.41
N THR A 74 -34.19 25.44 -14.66
CA THR A 74 -33.54 24.18 -15.00
C THR A 74 -32.01 24.32 -15.04
N ASP A 75 -31.50 25.45 -14.56
CA ASP A 75 -30.06 25.76 -14.56
C ASP A 75 -29.45 25.60 -13.20
N PHE A 76 -28.39 24.78 -13.11
CA PHE A 76 -27.69 24.54 -11.86
C PHE A 76 -26.18 24.74 -12.00
N THR A 77 -25.54 25.21 -10.93
CA THR A 77 -24.11 25.56 -11.00
C THR A 77 -23.39 25.10 -9.75
N LEU A 78 -22.26 24.40 -9.95
CA LEU A 78 -21.30 24.12 -8.90
C LEU A 78 -20.11 25.07 -9.02
N LYS A 79 -19.76 25.73 -7.92
CA LYS A 79 -18.58 26.58 -7.87
C LYS A 79 -17.55 26.03 -6.87
N ILE A 80 -16.30 25.93 -7.31
CA ILE A 80 -15.21 25.51 -6.42
C ILE A 80 -14.27 26.70 -6.28
N SER A 81 -14.26 27.32 -5.10
CA SER A 81 -13.56 28.59 -4.91
C SER A 81 -12.04 28.52 -4.93
N ARG A 82 -11.42 28.28 -3.78
CA ARG A 82 -9.97 28.37 -3.66
C ARG A 82 -9.38 27.04 -4.10
N VAL A 83 -9.42 26.76 -5.41
CA VAL A 83 -9.06 25.44 -5.98
C VAL A 83 -7.73 24.92 -5.45
N GLU A 84 -7.76 23.69 -4.94
CA GLU A 84 -6.58 22.99 -4.46
C GLU A 84 -6.21 21.86 -5.40
N ALA A 85 -4.98 21.35 -5.30
CA ALA A 85 -4.55 20.27 -6.18
C ALA A 85 -5.37 18.99 -5.98
N GLU A 86 -5.78 18.73 -4.74
CA GLU A 86 -6.59 17.56 -4.39
C GLU A 86 -8.00 17.56 -5.01
N ASP A 87 -8.43 18.71 -5.51
CA ASP A 87 -9.78 18.85 -6.10
C ASP A 87 -9.92 18.22 -7.50
N LEU A 88 -8.86 17.63 -8.02
CA LEU A 88 -8.93 17.17 -9.40
C LEU A 88 -9.73 15.86 -9.48
N GLY A 89 -10.37 15.67 -10.62
CA GLY A 89 -11.13 14.46 -10.86
C GLY A 89 -12.31 14.84 -11.72
N VAL A 90 -13.33 13.98 -11.75
CA VAL A 90 -14.53 14.22 -12.55
C VAL A 90 -15.71 14.57 -11.66
N TYR A 91 -16.34 15.71 -11.98
CA TYR A 91 -17.51 16.20 -11.28
C TYR A 91 -18.78 15.85 -12.06
N PHE A 92 -19.81 15.36 -11.35
CA PHE A 92 -21.09 14.97 -11.99
C PHE A 92 -22.29 15.63 -11.29
N CYS A 93 -23.26 16.11 -12.05
CA CYS A 93 -24.55 16.37 -11.44
C CYS A 93 -25.46 15.13 -11.56
N SER A 94 -26.44 15.00 -10.66
CA SER A 94 -27.47 13.98 -10.78
C SER A 94 -28.81 14.50 -10.24
N GLN A 95 -29.91 13.99 -10.79
CA GLN A 95 -31.23 14.36 -10.30
C GLN A 95 -31.90 13.14 -9.67
N GLY A 96 -32.51 13.35 -8.52
CA GLY A 96 -33.27 12.29 -7.88
C GLY A 96 -34.71 12.69 -7.68
N THR A 97 -35.22 13.54 -8.56
CA THR A 97 -36.63 13.96 -8.48
C THR A 97 -37.53 12.99 -9.25
N HIS A 98 -37.05 12.55 -10.41
CA HIS A 98 -37.86 11.74 -11.30
C HIS A 98 -37.15 10.40 -11.50
N VAL A 99 -37.92 9.31 -11.49
CA VAL A 99 -37.35 7.98 -11.82
C VAL A 99 -37.59 7.81 -13.31
N PRO A 100 -36.58 7.37 -14.10
CA PRO A 100 -35.21 6.99 -13.75
C PRO A 100 -34.30 8.15 -13.35
N TYR A 101 -33.50 7.95 -12.29
CA TYR A 101 -32.51 8.93 -11.89
C TYR A 101 -31.50 9.01 -13.02
N THR A 102 -30.96 10.21 -13.22
CA THR A 102 -30.07 10.45 -14.36
C THR A 102 -28.93 11.38 -13.95
N PHE A 103 -27.85 11.30 -14.72
CA PHE A 103 -26.60 11.95 -14.41
C PHE A 103 -26.18 12.79 -15.60
N GLY A 104 -25.45 13.88 -15.33
CA GLY A 104 -24.71 14.58 -16.38
C GLY A 104 -23.52 13.75 -16.85
N GLY A 105 -22.94 14.15 -17.99
CA GLY A 105 -21.83 13.42 -18.62
C GLY A 105 -20.47 13.62 -17.96
N GLY A 106 -20.41 14.55 -17.01
CA GLY A 106 -19.19 14.78 -16.25
C GLY A 106 -18.37 15.98 -16.71
N THR A 107 -17.62 16.53 -15.78
CA THR A 107 -16.66 17.59 -16.08
C THR A 107 -15.34 17.20 -15.45
N LYS A 108 -14.27 17.10 -16.25
CA LYS A 108 -12.94 16.81 -15.71
C LYS A 108 -12.19 18.10 -15.37
N LEU A 109 -11.91 18.29 -14.09
CA LEU A 109 -11.17 19.44 -13.60
C LEU A 109 -9.67 19.17 -13.71
N GLU A 110 -8.97 20.03 -14.47
CA GLU A 110 -7.53 19.89 -14.68
C GLU A 110 -6.82 21.05 -13.99
N ILE A 111 -5.82 20.73 -13.18
CA ILE A 111 -5.03 21.75 -12.50
C ILE A 111 -3.95 22.30 -13.44
N LYS A 112 -3.94 23.63 -13.60
CA LYS A 112 -2.93 24.30 -14.38
C LYS A 112 -1.66 24.47 -13.55
N ARG A 113 -0.52 24.23 -14.18
CA ARG A 113 0.76 24.39 -13.54
C ARG A 113 1.82 24.76 -14.57
N ALA A 114 3.04 24.99 -14.10
CA ALA A 114 4.16 25.34 -14.96
C ALA A 114 4.50 24.16 -15.85
N ASP A 115 4.94 24.43 -17.08
CA ASP A 115 5.42 23.37 -17.98
C ASP A 115 6.55 22.55 -17.36
N ALA A 116 6.54 21.25 -17.61
CA ALA A 116 7.57 20.35 -17.10
C ALA A 116 7.82 19.29 -18.14
N ALA A 117 9.10 19.08 -18.47
CA ALA A 117 9.53 18.15 -19.49
C ALA A 117 9.45 16.75 -18.89
N PRO A 118 9.19 15.71 -19.72
CA PRO A 118 9.14 14.35 -19.19
C PRO A 118 10.51 13.83 -18.81
N THR A 119 10.54 13.02 -17.75
CA THR A 119 11.70 12.17 -17.43
C THR A 119 11.50 10.86 -18.19
N VAL A 120 12.44 10.54 -19.08
CA VAL A 120 12.26 9.42 -20.02
C VAL A 120 13.21 8.30 -19.66
N SER A 121 12.71 7.06 -19.65
CA SER A 121 13.52 5.88 -19.36
C SER A 121 13.14 4.78 -20.33
N ILE A 122 14.12 4.03 -20.82
CA ILE A 122 13.91 2.95 -21.77
C ILE A 122 14.35 1.63 -21.20
N PHE A 123 13.62 0.55 -21.53
CA PHE A 123 13.87 -0.76 -20.94
C PHE A 123 13.89 -1.85 -22.01
N PRO A 124 15.02 -2.56 -22.12
CA PRO A 124 15.07 -3.70 -23.03
C PRO A 124 14.15 -4.82 -22.56
N PRO A 125 13.86 -5.78 -23.46
CA PRO A 125 13.13 -6.99 -23.08
C PRO A 125 13.84 -7.72 -21.94
N SER A 126 13.06 -8.35 -21.06
CA SER A 126 13.63 -9.14 -19.97
C SER A 126 14.10 -10.47 -20.54
N SER A 127 15.05 -11.11 -19.88
CA SER A 127 15.48 -12.44 -20.33
C SER A 127 14.33 -13.45 -20.20
N GLU A 128 13.46 -13.25 -19.22
CA GLU A 128 12.29 -14.10 -19.04
C GLU A 128 11.36 -14.06 -20.24
N GLN A 129 11.03 -12.85 -20.71
CA GLN A 129 10.19 -12.72 -21.90
C GLN A 129 10.83 -13.32 -23.13
N LEU A 130 12.14 -13.09 -23.29
CA LEU A 130 12.89 -13.65 -24.42
C LEU A 130 12.78 -15.19 -24.50
N THR A 131 12.88 -15.88 -23.36
CA THR A 131 12.72 -17.34 -23.35
C THR A 131 11.38 -17.81 -23.94
N SER A 132 10.42 -16.89 -24.11
CA SER A 132 9.09 -17.25 -24.58
C SER A 132 8.81 -16.89 -26.06
N GLY A 133 9.76 -16.24 -26.72
CA GLY A 133 9.60 -15.94 -28.14
C GLY A 133 9.01 -14.57 -28.43
N GLY A 134 8.87 -13.76 -27.38
CA GLY A 134 8.43 -12.37 -27.52
C GLY A 134 9.49 -11.42 -26.99
N ALA A 135 9.37 -10.15 -27.37
CA ALA A 135 10.28 -9.09 -26.95
C ALA A 135 9.56 -7.75 -26.86
N SER A 136 9.34 -7.26 -25.64
CA SER A 136 8.71 -5.96 -25.48
C SER A 136 9.75 -4.94 -25.05
N VAL A 137 9.75 -3.79 -25.70
CA VAL A 137 10.61 -2.66 -25.31
C VAL A 137 9.68 -1.62 -24.68
N VAL A 138 10.04 -1.11 -23.48
CA VAL A 138 9.16 -0.19 -22.76
C VAL A 138 9.84 1.14 -22.56
N CYS A 139 9.06 2.21 -22.62
CA CYS A 139 9.55 3.55 -22.41
C CYS A 139 8.55 4.24 -21.49
N PHE A 140 9.06 4.77 -20.37
CA PHE A 140 8.24 5.57 -19.48
C PHE A 140 8.56 7.02 -19.71
N LEU A 141 7.52 7.87 -19.76
CA LEU A 141 7.70 9.31 -19.89
C LEU A 141 6.94 9.98 -18.75
N ASN A 142 7.67 10.37 -17.71
CA ASN A 142 7.03 10.60 -16.42
C ASN A 142 7.07 12.06 -15.99
N ASN A 143 6.00 12.46 -15.29
CA ASN A 143 5.85 13.76 -14.62
C ASN A 143 6.07 14.95 -15.56
N PHE A 144 5.24 15.05 -16.59
CA PHE A 144 5.34 16.15 -17.55
C PHE A 144 4.04 16.96 -17.57
N TYR A 145 4.14 18.18 -18.08
CA TYR A 145 2.98 19.07 -18.25
C TYR A 145 3.29 20.06 -19.39
N PRO A 146 2.31 20.32 -20.30
CA PRO A 146 0.92 19.81 -20.36
C PRO A 146 0.82 18.36 -20.85
N LYS A 147 -0.41 17.82 -20.89
CA LYS A 147 -0.58 16.40 -21.18
C LYS A 147 -0.30 15.98 -22.62
N ASP A 148 -0.23 16.95 -23.54
CA ASP A 148 0.07 16.65 -24.94
C ASP A 148 1.54 16.25 -25.12
N ILE A 149 1.76 15.09 -25.71
CA ILE A 149 3.10 14.58 -25.95
C ILE A 149 3.08 13.62 -27.12
N ASN A 150 4.20 13.53 -27.83
CA ASN A 150 4.28 12.64 -28.98
C ASN A 150 5.50 11.74 -28.87
N VAL A 151 5.27 10.42 -28.89
CA VAL A 151 6.34 9.45 -28.73
C VAL A 151 6.54 8.66 -30.02
N LYS A 152 7.81 8.49 -30.38
CA LYS A 152 8.19 7.77 -31.58
C LYS A 152 9.15 6.64 -31.24
N TRP A 153 8.91 5.45 -31.78
CA TRP A 153 9.91 4.39 -31.73
C TRP A 153 10.77 4.35 -33.00
N LYS A 154 12.06 4.12 -32.83
CA LYS A 154 12.97 3.96 -33.96
C LYS A 154 13.83 2.75 -33.70
N ILE A 155 13.97 1.91 -34.72
CA ILE A 155 14.80 0.71 -34.65
C ILE A 155 15.86 0.87 -35.75
N ASP A 156 17.14 0.80 -35.34
CA ASP A 156 18.28 1.14 -36.19
C ASP A 156 17.99 2.38 -37.05
N GLY A 157 17.46 3.41 -36.41
CA GLY A 157 17.17 4.69 -37.05
C GLY A 157 15.87 4.81 -37.82
N SER A 158 15.20 3.69 -38.10
CA SER A 158 13.93 3.70 -38.82
C SER A 158 12.72 3.67 -37.89
N GLU A 159 11.77 4.56 -38.16
CA GLU A 159 10.52 4.62 -37.40
C GLU A 159 9.74 3.30 -37.47
N ARG A 160 9.25 2.87 -36.33
CA ARG A 160 8.43 1.67 -36.22
C ARG A 160 7.08 2.08 -35.62
N GLN A 161 6.00 1.83 -36.35
CA GLN A 161 4.65 2.23 -35.92
C GLN A 161 3.77 1.06 -35.47
N ASN A 162 3.94 -0.09 -36.11
CA ASN A 162 3.18 -1.28 -35.75
C ASN A 162 3.68 -1.91 -34.46
N GLY A 163 2.76 -2.40 -33.63
CA GLY A 163 3.12 -3.12 -32.41
C GLY A 163 3.27 -2.25 -31.16
N VAL A 164 2.82 -1.00 -31.25
CA VAL A 164 2.94 -0.01 -30.17
C VAL A 164 1.63 0.09 -29.38
N LEU A 165 1.74 0.06 -28.06
CA LEU A 165 0.59 0.26 -27.18
C LEU A 165 0.93 1.29 -26.11
N ASN A 166 0.15 2.37 -26.03
CA ASN A 166 0.39 3.46 -25.05
C ASN A 166 -0.73 3.63 -24.00
N SER A 167 -0.36 4.10 -22.81
CA SER A 167 -1.29 4.35 -21.72
C SER A 167 -0.83 5.55 -20.90
N TRP A 168 -1.77 6.40 -20.53
CA TRP A 168 -1.52 7.60 -19.76
C TRP A 168 -2.13 7.48 -18.37
N THR A 169 -1.47 8.03 -17.36
CA THR A 169 -2.08 8.19 -16.05
C THR A 169 -3.05 9.39 -16.04
N ASP A 170 -3.95 9.41 -15.06
CA ASP A 170 -4.74 10.58 -14.74
C ASP A 170 -3.80 11.63 -14.14
N GLN A 171 -4.23 12.88 -14.08
CA GLN A 171 -3.35 13.92 -13.53
C GLN A 171 -3.04 13.65 -12.06
N ASP A 172 -1.79 13.92 -11.65
CA ASP A 172 -1.33 13.59 -10.31
C ASP A 172 -1.84 14.62 -9.30
N SER A 173 -2.46 14.14 -8.22
CA SER A 173 -3.10 15.04 -7.26
C SER A 173 -2.12 15.80 -6.40
N LYS A 174 -0.82 15.52 -6.53
CA LYS A 174 0.18 16.24 -5.75
C LYS A 174 1.00 17.25 -6.58
N ASP A 175 1.58 16.80 -7.69
CA ASP A 175 2.40 17.70 -8.49
C ASP A 175 1.71 18.15 -9.77
N SER A 176 0.47 17.70 -9.97
CA SER A 176 -0.34 18.14 -11.11
C SER A 176 0.23 17.76 -12.51
N THR A 177 1.10 16.76 -12.57
CA THR A 177 1.67 16.33 -13.84
C THR A 177 0.96 15.07 -14.39
N TYR A 178 1.34 14.69 -15.60
CA TYR A 178 0.89 13.45 -16.23
C TYR A 178 2.08 12.53 -16.45
N SER A 179 1.80 11.24 -16.59
CA SER A 179 2.83 10.27 -17.01
C SER A 179 2.27 9.34 -18.11
N MET A 180 3.16 8.75 -18.90
CA MET A 180 2.75 7.90 -20.02
C MET A 180 3.70 6.72 -20.14
N SER A 181 3.17 5.57 -20.52
CA SER A 181 3.97 4.39 -20.78
C SER A 181 3.75 4.00 -22.24
N SER A 182 4.81 3.62 -22.93
CA SER A 182 4.73 3.14 -24.31
C SER A 182 5.45 1.79 -24.41
N THR A 183 4.76 0.79 -24.95
CA THR A 183 5.32 -0.54 -25.09
C THR A 183 5.32 -0.96 -26.56
N LEU A 184 6.51 -1.25 -27.10
CA LEU A 184 6.65 -1.78 -28.45
C LEU A 184 6.95 -3.26 -28.37
N THR A 185 6.08 -4.05 -28.95
CA THR A 185 6.19 -5.48 -28.87
C THR A 185 6.50 -6.06 -30.25
N LEU A 186 7.58 -6.82 -30.33
CA LEU A 186 7.93 -7.52 -31.55
C LEU A 186 8.20 -8.97 -31.23
N THR A 187 8.46 -9.77 -32.26
CA THR A 187 8.88 -11.16 -32.01
C THR A 187 10.33 -11.12 -31.57
N LYS A 188 10.73 -12.11 -30.79
CA LYS A 188 12.14 -12.32 -30.41
C LYS A 188 13.03 -12.40 -31.64
N ASP A 189 12.50 -13.05 -32.68
CA ASP A 189 13.10 -13.15 -34.01
C ASP A 189 13.49 -11.75 -34.51
N GLU A 190 12.52 -10.85 -34.69
CA GLU A 190 12.82 -9.48 -35.16
C GLU A 190 13.75 -8.76 -34.20
N TYR A 191 13.46 -8.85 -32.90
CA TYR A 191 14.23 -8.13 -31.93
C TYR A 191 15.71 -8.43 -32.11
N GLU A 192 16.03 -9.70 -32.26
CA GLU A 192 17.42 -10.17 -32.29
C GLU A 192 18.16 -9.92 -33.58
N ARG A 193 17.47 -9.44 -34.62
CA ARG A 193 18.18 -9.05 -35.85
C ARG A 193 18.21 -7.55 -36.14
N HIS A 194 18.09 -6.75 -35.08
CA HIS A 194 18.37 -5.31 -35.14
C HIS A 194 19.22 -4.94 -33.93
N ASN A 195 19.87 -3.78 -33.98
CA ASN A 195 20.76 -3.39 -32.88
C ASN A 195 20.27 -2.23 -32.00
N SER A 196 19.94 -1.11 -32.62
CA SER A 196 19.62 0.14 -31.92
C SER A 196 18.13 0.31 -31.68
N TYR A 197 17.74 0.54 -30.42
CA TYR A 197 16.34 0.78 -30.07
C TYR A 197 16.19 2.15 -29.41
N THR A 198 15.31 2.98 -29.95
CA THR A 198 15.19 4.35 -29.50
C THR A 198 13.75 4.75 -29.18
N CYS A 199 13.60 5.36 -28.00
CA CYS A 199 12.38 6.00 -27.62
C CYS A 199 12.60 7.51 -27.78
N GLU A 200 11.81 8.14 -28.65
CA GLU A 200 11.95 9.56 -28.91
C GLU A 200 10.66 10.33 -28.60
N ALA A 201 10.78 11.38 -27.79
CA ALA A 201 9.63 12.15 -27.38
C ALA A 201 9.75 13.63 -27.75
N THR A 202 8.73 14.17 -28.40
CA THR A 202 8.63 15.62 -28.53
C THR A 202 7.51 16.15 -27.64
N HIS A 203 7.80 17.25 -26.95
CA HIS A 203 6.92 17.87 -25.97
C HIS A 203 7.08 19.38 -26.07
N LYS A 204 6.05 20.15 -25.71
CA LYS A 204 6.04 21.60 -26.00
C LYS A 204 7.20 22.33 -25.33
N THR A 205 7.71 21.71 -24.26
CA THR A 205 8.84 22.19 -23.47
C THR A 205 10.15 22.31 -24.26
N SER A 206 10.33 21.47 -25.28
CA SER A 206 11.60 21.39 -25.97
C SER A 206 11.42 21.40 -27.48
N THR A 207 12.28 22.16 -28.15
CA THR A 207 12.31 22.17 -29.60
C THR A 207 12.84 20.83 -30.11
N SER A 208 13.94 20.38 -29.51
CA SER A 208 14.58 19.14 -29.89
C SER A 208 13.93 17.97 -29.13
N PRO A 209 13.84 16.78 -29.77
CA PRO A 209 13.21 15.66 -29.08
C PRO A 209 14.14 15.05 -28.04
N ILE A 210 13.54 14.54 -26.97
CA ILE A 210 14.24 13.84 -25.91
C ILE A 210 14.42 12.38 -26.37
N VAL A 211 15.65 11.91 -26.36
CA VAL A 211 15.99 10.60 -26.95
C VAL A 211 16.60 9.69 -25.88
N LYS A 212 16.02 8.50 -25.74
CA LYS A 212 16.62 7.46 -24.91
C LYS A 212 16.82 6.22 -25.76
N SER A 213 17.98 5.59 -25.64
CA SER A 213 18.41 4.52 -26.54
C SER A 213 19.24 3.44 -25.86
N PHE A 214 19.25 2.25 -26.44
CA PHE A 214 20.22 1.21 -26.10
C PHE A 214 20.58 0.42 -27.36
N ASN A 215 21.72 -0.27 -27.29
CA ASN A 215 22.17 -1.21 -28.33
C ASN A 215 22.19 -2.60 -27.75
N ARG A 216 21.61 -3.55 -28.47
CA ARG A 216 21.47 -4.93 -28.01
C ARG A 216 22.77 -5.62 -27.61
N ASN A 217 23.87 -5.24 -28.24
CA ASN A 217 25.19 -5.83 -27.93
C ASN A 217 25.75 -5.43 -26.57
N GLU A 218 25.54 -4.17 -26.20
CA GLU A 218 26.19 -3.56 -25.04
C GLU A 218 25.63 -3.99 -23.68
N CYS A 219 24.41 -4.52 -23.68
CA CYS A 219 23.70 -4.81 -22.44
C CYS A 219 23.01 -6.18 -22.42
N GLU B 1 -17.39 4.83 10.53
CA GLU B 1 -17.98 5.48 9.33
C GLU B 1 -18.91 4.52 8.59
N VAL B 2 -19.74 5.06 7.71
CA VAL B 2 -20.61 4.29 6.83
C VAL B 2 -19.74 3.58 5.78
N LYS B 3 -20.03 2.31 5.53
CA LYS B 3 -19.24 1.49 4.61
C LYS B 3 -20.16 0.63 3.78
N LEU B 4 -19.97 0.66 2.47
CA LEU B 4 -20.68 -0.21 1.54
C LEU B 4 -19.67 -1.05 0.74
N GLU B 5 -19.96 -2.33 0.55
CA GLU B 5 -19.03 -3.25 -0.12
C GLU B 5 -19.75 -4.24 -1.03
N GLU B 6 -19.48 -4.13 -2.33
CA GLU B 6 -20.06 -5.01 -3.34
C GLU B 6 -19.15 -6.20 -3.57
N SER B 7 -19.76 -7.32 -3.94
CA SER B 7 -19.01 -8.48 -4.43
C SER B 7 -19.86 -9.26 -5.43
N GLY B 8 -19.26 -10.28 -6.06
CA GLY B 8 -19.97 -11.10 -7.05
C GLY B 8 -19.54 -10.83 -8.47
N GLY B 9 -18.75 -9.78 -8.68
CA GLY B 9 -18.27 -9.41 -10.02
C GLY B 9 -17.32 -10.41 -10.66
N GLY B 10 -17.09 -10.27 -11.96
CA GLY B 10 -16.25 -11.21 -12.68
C GLY B 10 -16.62 -11.33 -14.14
N LEU B 11 -16.00 -12.30 -14.81
CA LEU B 11 -16.24 -12.58 -16.21
C LEU B 11 -17.41 -13.53 -16.37
N VAL B 12 -18.28 -13.23 -17.33
CA VAL B 12 -19.45 -14.06 -17.63
C VAL B 12 -19.65 -14.05 -19.15
N GLN B 13 -20.01 -15.18 -19.73
CA GLN B 13 -20.30 -15.27 -21.16
C GLN B 13 -21.61 -14.52 -21.47
N PRO B 14 -21.73 -13.93 -22.68
CA PRO B 14 -22.99 -13.30 -23.07
C PRO B 14 -24.15 -14.30 -22.99
N GLY B 15 -25.29 -13.83 -22.45
CA GLY B 15 -26.46 -14.67 -22.24
C GLY B 15 -26.42 -15.35 -20.88
N GLY B 16 -25.30 -15.21 -20.19
CA GLY B 16 -25.08 -15.84 -18.88
C GLY B 16 -25.76 -15.07 -17.78
N SER B 17 -25.59 -15.54 -16.55
CA SER B 17 -26.23 -14.89 -15.40
C SER B 17 -25.24 -14.69 -14.26
N MET B 18 -25.55 -13.75 -13.35
CA MET B 18 -24.62 -13.37 -12.30
C MET B 18 -25.35 -12.67 -11.15
N LYS B 19 -24.90 -12.94 -9.92
CA LYS B 19 -25.52 -12.36 -8.72
C LYS B 19 -24.54 -11.46 -7.96
N LEU B 20 -24.90 -10.18 -7.87
CA LEU B 20 -24.12 -9.22 -7.10
C LEU B 20 -24.71 -9.07 -5.70
N SER B 21 -23.85 -8.89 -4.72
CA SER B 21 -24.30 -8.67 -3.35
C SER B 21 -23.66 -7.37 -2.86
N CYS B 22 -24.36 -6.69 -1.97
CA CYS B 22 -23.84 -5.48 -1.35
C CYS B 22 -24.18 -5.51 0.13
N VAL B 23 -23.15 -5.45 0.98
CA VAL B 23 -23.35 -5.41 2.42
C VAL B 23 -22.99 -4.03 2.99
N VAL B 24 -23.89 -3.49 3.83
CA VAL B 24 -23.79 -2.15 4.38
C VAL B 24 -23.54 -2.19 5.91
N SER B 25 -22.79 -1.20 6.40
CA SER B 25 -22.56 -1.01 7.83
C SER B 25 -22.30 0.47 8.16
N GLY B 26 -22.38 0.79 9.45
CA GLY B 26 -22.18 2.16 9.90
C GLY B 26 -23.46 2.98 9.91
N LEU B 27 -24.56 2.36 9.49
CA LEU B 27 -25.89 2.96 9.53
C LEU B 27 -26.95 1.87 9.54
N THR B 28 -28.18 2.25 9.90
CA THR B 28 -29.28 1.28 9.99
C THR B 28 -29.87 1.00 8.61
N PHE B 29 -29.35 -0.06 7.99
CA PHE B 29 -29.69 -0.52 6.65
C PHE B 29 -31.17 -0.40 6.29
N SER B 30 -32.02 -0.99 7.11
CA SER B 30 -33.45 -1.13 6.81
C SER B 30 -34.25 0.18 6.69
N ARG B 31 -33.63 1.28 7.09
CA ARG B 31 -34.29 2.59 7.12
C ARG B 31 -34.31 3.29 5.77
N PHE B 32 -33.40 2.91 4.87
CA PHE B 32 -33.16 3.71 3.67
C PHE B 32 -33.36 2.96 2.34
N TRP B 33 -33.78 3.71 1.32
CA TRP B 33 -33.88 3.21 -0.06
C TRP B 33 -32.48 2.88 -0.58
N MET B 34 -32.41 1.93 -1.52
CA MET B 34 -31.13 1.48 -2.08
C MET B 34 -31.21 1.32 -3.59
N SER B 35 -30.07 1.52 -4.26
CA SER B 35 -29.99 1.43 -5.73
C SER B 35 -28.71 0.75 -6.22
N TRP B 36 -28.79 0.16 -7.42
CA TRP B 36 -27.60 -0.17 -8.18
C TRP B 36 -27.41 0.84 -9.31
N VAL B 37 -26.16 1.24 -9.53
CA VAL B 37 -25.76 2.20 -10.54
C VAL B 37 -24.54 1.55 -11.22
N ARG B 38 -24.45 1.60 -12.55
CA ARG B 38 -23.27 1.11 -13.26
C ARG B 38 -22.54 2.21 -14.02
N GLN B 39 -21.27 1.96 -14.32
CA GLN B 39 -20.43 2.95 -15.01
C GLN B 39 -19.55 2.30 -16.06
N SER B 40 -19.50 2.91 -17.24
CA SER B 40 -18.61 2.52 -18.33
C SER B 40 -18.20 3.74 -19.17
N PRO B 41 -17.10 3.61 -19.93
CA PRO B 41 -16.68 4.65 -20.90
C PRO B 41 -17.77 5.09 -21.90
N GLU B 42 -18.51 4.13 -22.46
CA GLU B 42 -19.55 4.45 -23.44
C GLU B 42 -20.81 5.08 -22.84
N LYS B 43 -21.13 4.76 -21.58
CA LYS B 43 -22.39 5.27 -21.03
C LYS B 43 -22.25 6.28 -19.89
N GLY B 44 -21.06 6.42 -19.32
CA GLY B 44 -20.96 7.18 -18.09
C GLY B 44 -21.74 6.46 -17.00
N LEU B 45 -22.24 7.21 -16.02
CA LEU B 45 -23.02 6.64 -14.92
C LEU B 45 -24.47 6.42 -15.35
N GLU B 46 -24.95 5.18 -15.21
CA GLU B 46 -26.36 4.90 -15.47
C GLU B 46 -27.03 4.12 -14.35
N TRP B 47 -28.13 4.70 -13.85
CA TRP B 47 -28.88 4.11 -12.76
C TRP B 47 -29.57 2.86 -13.27
N VAL B 48 -29.54 1.79 -12.45
CA VAL B 48 -29.98 0.47 -12.88
C VAL B 48 -31.33 0.09 -12.24
N ALA B 49 -31.39 0.19 -10.91
CA ALA B 49 -32.55 -0.31 -10.14
C ALA B 49 -32.59 0.28 -8.75
N GLU B 50 -33.81 0.45 -8.23
CA GLU B 50 -34.07 0.95 -6.90
C GLU B 50 -34.99 -0.03 -6.14
N ILE B 51 -34.70 -0.25 -4.86
CA ILE B 51 -35.63 -0.97 -3.96
C ILE B 51 -35.93 -0.12 -2.73
N ARG B 52 -37.21 -0.03 -2.38
CA ARG B 52 -37.61 0.80 -1.25
C ARG B 52 -37.76 -0.02 0.06
N LEU B 53 -38.57 0.47 1.00
CA LEU B 53 -38.62 -0.08 2.34
C LEU B 53 -39.68 -1.17 2.49
N LYS B 54 -39.57 -1.95 3.56
CA LYS B 54 -40.63 -2.89 3.97
C LYS B 54 -41.99 -2.19 4.01
N SER B 55 -42.02 -0.99 4.60
CA SER B 55 -43.18 -0.09 4.62
C SER B 55 -43.85 0.07 3.25
N ASP B 56 -43.02 0.21 2.21
CA ASP B 56 -43.48 0.42 0.83
C ASP B 56 -43.72 -0.90 0.11
N ASN B 57 -43.85 -1.98 0.87
CA ASN B 57 -44.01 -3.31 0.31
C ASN B 57 -42.84 -3.67 -0.62
N TYR B 58 -41.63 -3.28 -0.22
CA TYR B 58 -40.41 -3.54 -1.01
C TYR B 58 -40.57 -3.25 -2.51
N ALA B 59 -41.20 -2.12 -2.80
CA ALA B 59 -41.43 -1.65 -4.15
C ALA B 59 -40.09 -1.41 -4.84
N THR B 60 -40.01 -1.79 -6.11
CA THR B 60 -38.79 -1.70 -6.88
C THR B 60 -39.04 -0.88 -8.13
N HIS B 61 -37.97 -0.33 -8.71
CA HIS B 61 -38.02 0.36 -9.99
C HIS B 61 -36.78 0.01 -10.80
N TYR B 62 -36.93 -0.10 -12.12
CA TYR B 62 -35.85 -0.53 -13.00
C TYR B 62 -35.71 0.40 -14.18
N ALA B 63 -34.46 0.63 -14.58
CA ALA B 63 -34.18 1.23 -15.89
C ALA B 63 -34.78 0.35 -16.99
N GLU B 64 -35.31 0.99 -18.02
CA GLU B 64 -35.93 0.30 -19.15
C GLU B 64 -35.01 -0.78 -19.74
N SER B 65 -33.74 -0.43 -19.95
CA SER B 65 -32.76 -1.36 -20.53
C SER B 65 -32.57 -2.67 -19.76
N VAL B 66 -32.97 -2.69 -18.48
CA VAL B 66 -32.78 -3.90 -17.66
C VAL B 66 -34.07 -4.53 -17.11
N LYS B 67 -35.23 -3.94 -17.40
CA LYS B 67 -36.51 -4.47 -16.87
C LYS B 67 -36.76 -5.94 -17.26
N GLY B 68 -37.16 -6.74 -16.28
CA GLY B 68 -37.37 -8.18 -16.44
C GLY B 68 -36.10 -9.02 -16.59
N LYS B 69 -34.97 -8.34 -16.74
CA LYS B 69 -33.69 -8.97 -17.01
C LYS B 69 -32.92 -9.04 -15.70
N PHE B 70 -32.97 -7.94 -14.94
CA PHE B 70 -32.35 -7.83 -13.61
C PHE B 70 -33.41 -7.87 -12.53
N THR B 71 -33.02 -8.34 -11.34
CA THR B 71 -33.89 -8.29 -10.18
C THR B 71 -33.12 -7.76 -8.96
N ILE B 72 -33.62 -6.67 -8.38
CA ILE B 72 -33.03 -6.11 -7.15
C ILE B 72 -33.85 -6.61 -5.94
N SER B 73 -33.14 -7.05 -4.89
CA SER B 73 -33.77 -7.54 -3.67
C SER B 73 -32.96 -7.14 -2.43
N ARG B 74 -33.58 -7.18 -1.25
CA ARG B 74 -32.86 -6.88 -0.01
C ARG B 74 -33.11 -7.87 1.14
N ASP B 75 -32.15 -7.93 2.05
CA ASP B 75 -32.23 -8.74 3.27
C ASP B 75 -31.85 -7.83 4.43
N ASP B 76 -32.86 -7.13 4.97
CA ASP B 76 -32.65 -6.19 6.08
C ASP B 76 -31.96 -6.82 7.30
N SER B 77 -32.23 -8.10 7.55
CA SER B 77 -31.64 -8.85 8.65
C SER B 77 -30.10 -8.91 8.59
N LYS B 78 -29.57 -9.11 7.38
CA LYS B 78 -28.13 -9.25 7.16
C LYS B 78 -27.51 -7.94 6.65
N SER B 79 -28.35 -6.92 6.49
CA SER B 79 -27.93 -5.64 5.90
C SER B 79 -27.35 -5.87 4.51
N ARG B 80 -28.09 -6.58 3.66
CA ARG B 80 -27.59 -6.99 2.34
C ARG B 80 -28.51 -6.71 1.16
N LEU B 81 -27.95 -6.00 0.16
CA LEU B 81 -28.61 -5.72 -1.11
C LEU B 81 -28.10 -6.68 -2.18
N TYR B 82 -28.99 -7.12 -3.06
CA TYR B 82 -28.64 -8.05 -4.13
C TYR B 82 -29.09 -7.55 -5.49
N LEU B 83 -28.34 -7.93 -6.52
CA LEU B 83 -28.76 -7.75 -7.90
C LEU B 83 -28.56 -9.06 -8.65
N GLN B 84 -29.68 -9.63 -9.09
CA GLN B 84 -29.68 -10.84 -9.91
C GLN B 84 -29.72 -10.41 -11.37
N MET B 85 -28.68 -10.74 -12.11
CA MET B 85 -28.57 -10.39 -13.52
C MET B 85 -28.64 -11.64 -14.39
N ASN B 86 -29.56 -11.62 -15.35
CA ASN B 86 -29.72 -12.71 -16.31
C ASN B 86 -29.69 -12.12 -17.72
N SER B 87 -29.55 -12.99 -18.71
CA SER B 87 -29.50 -12.61 -20.13
C SER B 87 -28.49 -11.49 -20.42
N LEU B 88 -27.30 -11.60 -19.82
CA LEU B 88 -26.31 -10.51 -19.92
C LEU B 88 -25.78 -10.33 -21.34
N ARG B 89 -25.62 -9.08 -21.75
CA ARG B 89 -25.08 -8.73 -23.06
C ARG B 89 -23.78 -7.97 -22.86
N THR B 90 -22.94 -7.92 -23.89
CA THR B 90 -21.64 -7.24 -23.78
C THR B 90 -21.81 -5.82 -23.24
N GLU B 91 -22.93 -5.17 -23.56
CA GLU B 91 -23.14 -3.79 -23.17
C GLU B 91 -23.52 -3.62 -21.70
N ASP B 92 -23.77 -4.74 -21.02
CA ASP B 92 -23.93 -4.73 -19.57
C ASP B 92 -22.57 -4.73 -18.83
N THR B 93 -21.47 -4.72 -19.57
CA THR B 93 -20.11 -4.63 -18.99
C THR B 93 -19.95 -3.28 -18.29
N GLY B 94 -19.41 -3.29 -17.08
CA GLY B 94 -19.20 -2.06 -16.35
C GLY B 94 -18.83 -2.30 -14.90
N ILE B 95 -18.51 -1.23 -14.20
CA ILE B 95 -18.42 -1.27 -12.75
C ILE B 95 -19.79 -1.03 -12.16
N TYR B 96 -20.20 -1.92 -11.26
CA TYR B 96 -21.50 -1.85 -10.57
C TYR B 96 -21.33 -1.41 -9.11
N TYR B 97 -22.01 -0.33 -8.75
CA TYR B 97 -21.97 0.24 -7.41
C TYR B 97 -23.32 0.06 -6.72
N CYS B 98 -23.30 -0.25 -5.42
CA CYS B 98 -24.52 -0.07 -4.65
C CYS B 98 -24.46 1.31 -3.99
N LYS B 99 -25.62 1.88 -3.70
CA LYS B 99 -25.68 3.20 -3.09
C LYS B 99 -26.85 3.28 -2.13
N ILE B 100 -26.59 3.90 -0.99
CA ILE B 100 -27.62 4.14 0.04
C ILE B 100 -27.82 5.65 0.17
N TYR B 101 -29.09 6.07 0.24
CA TYR B 101 -29.44 7.50 0.17
C TYR B 101 -30.71 7.89 0.93
N PHE B 102 -30.79 9.18 1.22
CA PHE B 102 -31.87 9.78 1.97
C PHE B 102 -31.88 11.23 1.53
N TYR B 103 -32.82 12.02 2.07
CA TYR B 103 -32.88 13.45 1.80
C TYR B 103 -31.51 14.15 1.95
N SER B 104 -30.74 13.71 2.94
CA SER B 104 -29.59 14.48 3.40
C SER B 104 -28.25 13.78 3.17
N PHE B 105 -28.28 12.58 2.58
CA PHE B 105 -27.05 11.86 2.30
C PHE B 105 -27.12 10.90 1.10
N SER B 106 -25.93 10.59 0.59
CA SER B 106 -25.73 9.56 -0.42
C SER B 106 -24.36 8.95 -0.20
N TYR B 107 -24.29 7.62 -0.11
CA TYR B 107 -23.02 6.92 0.07
C TYR B 107 -22.96 5.78 -0.94
N TRP B 108 -21.82 5.69 -1.63
CA TRP B 108 -21.61 4.64 -2.62
C TRP B 108 -20.60 3.62 -2.10
N GLY B 109 -20.71 2.39 -2.58
CA GLY B 109 -19.70 1.37 -2.33
C GLY B 109 -18.49 1.55 -3.23
N GLN B 110 -17.58 0.57 -3.18
CA GLN B 110 -16.33 0.55 -3.92
C GLN B 110 -16.53 0.17 -5.41
N GLY B 111 -17.62 -0.55 -5.68
CA GLY B 111 -17.88 -1.08 -7.02
C GLY B 111 -17.28 -2.45 -7.25
N THR B 112 -17.99 -3.25 -8.03
CA THR B 112 -17.52 -4.56 -8.49
C THR B 112 -17.58 -4.59 -10.03
N LEU B 113 -16.54 -5.10 -10.67
CA LEU B 113 -16.42 -5.04 -12.13
C LEU B 113 -17.07 -6.27 -12.76
N VAL B 114 -17.99 -6.03 -13.70
CA VAL B 114 -18.66 -7.10 -14.43
C VAL B 114 -18.22 -7.05 -15.90
N THR B 115 -17.59 -8.12 -16.38
CA THR B 115 -17.15 -8.19 -17.76
C THR B 115 -18.00 -9.25 -18.47
N VAL B 116 -18.79 -8.84 -19.46
CA VAL B 116 -19.58 -9.78 -20.24
C VAL B 116 -18.86 -9.99 -21.57
N SER B 117 -18.24 -11.16 -21.71
CA SER B 117 -17.40 -11.47 -22.87
C SER B 117 -17.26 -12.95 -23.12
N ALA B 118 -17.10 -13.31 -24.39
CA ALA B 118 -16.83 -14.68 -24.80
C ALA B 118 -15.36 -15.03 -24.76
N ALA B 119 -14.50 -14.02 -24.54
CA ALA B 119 -13.06 -14.25 -24.45
C ALA B 119 -12.73 -15.08 -23.23
N LYS B 120 -11.62 -15.82 -23.28
CA LYS B 120 -11.29 -16.73 -22.17
C LYS B 120 -10.36 -16.06 -21.17
N THR B 121 -10.49 -16.48 -19.91
CA THR B 121 -9.56 -16.12 -18.84
C THR B 121 -8.14 -16.55 -19.19
N THR B 122 -7.19 -15.62 -18.99
CA THR B 122 -5.78 -15.81 -19.34
C THR B 122 -4.92 -15.18 -18.26
N ALA B 123 -3.92 -15.94 -17.77
CA ALA B 123 -3.02 -15.47 -16.72
C ALA B 123 -2.01 -14.50 -17.32
N PRO B 124 -1.58 -13.49 -16.54
CA PRO B 124 -0.58 -12.55 -17.08
C PRO B 124 0.82 -13.13 -17.03
N SER B 125 1.69 -12.65 -17.91
CA SER B 125 3.11 -12.90 -17.74
C SER B 125 3.66 -11.63 -17.11
N VAL B 126 4.47 -11.76 -16.08
CA VAL B 126 4.98 -10.62 -15.32
C VAL B 126 6.49 -10.46 -15.56
N TYR B 127 6.91 -9.31 -16.11
CA TYR B 127 8.31 -9.12 -16.51
C TYR B 127 8.98 -7.97 -15.79
N PRO B 128 10.22 -8.19 -15.29
CA PRO B 128 10.93 -7.12 -14.63
C PRO B 128 11.55 -6.16 -15.66
N LEU B 129 11.58 -4.88 -15.32
CA LEU B 129 12.16 -3.88 -16.22
C LEU B 129 13.29 -3.23 -15.49
N ALA B 130 14.51 -3.64 -15.82
CA ALA B 130 15.71 -3.07 -15.22
C ALA B 130 16.36 -2.12 -16.21
N PRO B 131 16.98 -1.02 -15.70
CA PRO B 131 17.61 -0.04 -16.58
C PRO B 131 18.75 -0.65 -17.37
N VAL B 132 19.06 -0.03 -18.50
CA VAL B 132 20.16 -0.45 -19.35
C VAL B 132 21.47 -0.33 -18.56
N CYS B 133 22.44 -1.20 -18.86
CA CYS B 133 23.75 -1.22 -18.16
C CYS B 133 24.51 0.12 -18.21
N GLY B 134 25.05 0.52 -17.06
CA GLY B 134 25.83 1.75 -16.92
C GLY B 134 26.48 1.87 -15.54
N ASP B 135 26.70 3.10 -15.09
CA ASP B 135 27.18 3.39 -13.72
C ASP B 135 26.45 4.59 -13.07
N THR B 136 25.30 4.31 -12.46
CA THR B 136 24.42 5.30 -11.82
C THR B 136 24.41 6.70 -12.49
N THR B 137 23.65 6.83 -13.56
CA THR B 137 23.51 8.13 -14.23
C THR B 137 22.31 8.90 -13.65
N GLY B 138 22.63 9.85 -12.77
CA GLY B 138 21.63 10.70 -12.12
C GLY B 138 21.51 10.41 -10.63
N SER B 139 20.83 11.32 -9.93
CA SER B 139 20.54 11.17 -8.51
C SER B 139 19.41 10.17 -8.28
N SER B 140 18.81 9.72 -9.38
CA SER B 140 17.59 8.92 -9.34
C SER B 140 17.63 7.76 -10.31
N VAL B 141 16.85 6.72 -10.02
CA VAL B 141 16.78 5.54 -10.88
C VAL B 141 15.32 5.06 -10.97
N THR B 142 14.88 4.75 -12.19
CA THR B 142 13.53 4.26 -12.44
C THR B 142 13.54 2.78 -12.86
N LEU B 143 12.67 1.98 -12.23
CA LEU B 143 12.50 0.55 -12.55
C LEU B 143 11.06 0.34 -12.93
N GLY B 144 10.75 -0.84 -13.46
CA GLY B 144 9.40 -1.12 -13.85
C GLY B 144 9.01 -2.57 -13.81
N CYS B 145 7.73 -2.79 -14.08
CA CYS B 145 7.12 -4.08 -14.09
C CYS B 145 6.14 -4.11 -15.27
N LEU B 146 6.22 -5.11 -16.13
CA LEU B 146 5.29 -5.23 -17.26
C LEU B 146 4.39 -6.46 -17.03
N VAL B 147 3.08 -6.25 -17.05
CA VAL B 147 2.10 -7.30 -16.80
C VAL B 147 1.32 -7.49 -18.08
N LYS B 148 1.67 -8.54 -18.83
CA LYS B 148 1.27 -8.68 -20.23
C LYS B 148 0.33 -9.84 -20.51
N GLY B 149 -0.70 -9.58 -21.30
CA GLY B 149 -1.51 -10.63 -21.90
C GLY B 149 -2.45 -11.34 -20.95
N TYR B 150 -3.21 -10.57 -20.15
CA TYR B 150 -4.20 -11.17 -19.23
C TYR B 150 -5.65 -10.79 -19.53
N PHE B 151 -6.58 -11.52 -18.93
CA PHE B 151 -8.01 -11.29 -19.14
C PHE B 151 -8.75 -12.13 -18.09
N PRO B 152 -9.78 -11.58 -17.45
CA PRO B 152 -10.29 -10.20 -17.50
C PRO B 152 -9.59 -9.28 -16.50
N GLU B 153 -10.01 -8.02 -16.45
CA GLU B 153 -9.62 -7.14 -15.33
C GLU B 153 -10.35 -7.66 -14.08
N PRO B 154 -9.83 -7.35 -12.88
CA PRO B 154 -8.63 -6.55 -12.61
C PRO B 154 -7.38 -7.35 -12.22
N VAL B 155 -6.23 -6.66 -12.16
CA VAL B 155 -5.04 -7.18 -11.45
C VAL B 155 -4.73 -6.24 -10.30
N THR B 156 -3.95 -6.70 -9.33
CA THR B 156 -3.44 -5.81 -8.28
C THR B 156 -1.93 -5.77 -8.45
N LEU B 157 -1.35 -4.58 -8.36
CA LEU B 157 0.10 -4.47 -8.45
C LEU B 157 0.55 -3.53 -7.37
N THR B 158 1.53 -3.99 -6.60
CA THR B 158 2.19 -3.15 -5.61
C THR B 158 3.70 -3.29 -5.73
N TRP B 159 4.42 -2.36 -5.12
CA TRP B 159 5.86 -2.42 -4.98
C TRP B 159 6.22 -2.63 -3.51
N ASN B 160 6.99 -3.68 -3.24
CA ASN B 160 7.41 -4.03 -1.88
C ASN B 160 6.21 -4.04 -0.93
N SER B 161 5.19 -4.80 -1.34
CA SER B 161 4.00 -5.03 -0.54
C SER B 161 3.18 -3.78 -0.26
N GLY B 162 3.51 -2.68 -0.94
CA GLY B 162 2.81 -1.42 -0.76
C GLY B 162 3.61 -0.43 0.05
N SER B 163 4.74 -0.87 0.60
CA SER B 163 5.56 -0.01 1.43
C SER B 163 6.25 1.05 0.60
N LEU B 164 6.24 0.85 -0.72
CA LEU B 164 6.80 1.79 -1.68
C LEU B 164 5.63 2.33 -2.51
N SER B 165 5.24 3.58 -2.26
CA SER B 165 4.09 4.21 -2.93
C SER B 165 4.43 5.53 -3.60
N SER B 166 5.31 6.31 -2.97
CA SER B 166 5.80 7.53 -3.59
C SER B 166 6.74 7.17 -4.72
N GLY B 167 6.67 7.95 -5.79
CA GLY B 167 7.50 7.69 -6.96
C GLY B 167 6.97 6.55 -7.81
N VAL B 168 5.73 6.11 -7.55
CA VAL B 168 5.11 5.01 -8.33
C VAL B 168 4.10 5.58 -9.35
N HIS B 169 4.15 5.08 -10.59
CA HIS B 169 3.07 5.33 -11.56
C HIS B 169 2.60 3.99 -12.08
N THR B 170 1.36 3.61 -11.79
CA THR B 170 0.77 2.38 -12.38
C THR B 170 -0.15 2.83 -13.48
N PHE B 171 0.10 2.36 -14.69
CA PHE B 171 -0.59 2.86 -15.87
C PHE B 171 -1.83 2.02 -16.11
N PRO B 172 -2.96 2.66 -16.46
CA PRO B 172 -4.17 1.89 -16.78
C PRO B 172 -3.93 0.86 -17.91
N ALA B 173 -4.53 -0.32 -17.78
CA ALA B 173 -4.33 -1.39 -18.73
C ALA B 173 -4.92 -1.01 -20.09
N VAL B 174 -4.31 -1.52 -21.16
CA VAL B 174 -4.81 -1.31 -22.52
C VAL B 174 -5.31 -2.66 -23.03
N LEU B 175 -6.51 -2.67 -23.59
CA LEU B 175 -7.14 -3.88 -24.10
C LEU B 175 -6.99 -3.93 -25.61
N GLN B 176 -6.43 -5.04 -26.09
CA GLN B 176 -6.35 -5.28 -27.53
C GLN B 176 -6.36 -6.77 -27.78
N SER B 177 -7.08 -7.19 -28.81
CA SER B 177 -7.20 -8.61 -29.17
C SER B 177 -7.58 -9.45 -27.95
N ASP B 178 -8.54 -8.94 -27.17
CA ASP B 178 -9.09 -9.66 -26.00
C ASP B 178 -8.09 -9.92 -24.86
N LEU B 179 -7.00 -9.14 -24.83
CA LEU B 179 -5.98 -9.27 -23.77
C LEU B 179 -5.58 -7.89 -23.26
N TYR B 180 -5.40 -7.79 -21.95
CA TYR B 180 -4.96 -6.54 -21.34
C TYR B 180 -3.45 -6.55 -21.11
N THR B 181 -2.86 -5.37 -21.18
CA THR B 181 -1.48 -5.18 -20.83
C THR B 181 -1.39 -3.91 -19.99
N LEU B 182 -0.67 -4.01 -18.88
CA LEU B 182 -0.49 -2.91 -17.92
C LEU B 182 0.99 -2.86 -17.58
N SER B 183 1.47 -1.69 -17.14
CA SER B 183 2.82 -1.54 -16.63
C SER B 183 2.83 -0.58 -15.44
N SER B 184 3.94 -0.57 -14.72
CA SER B 184 4.09 0.32 -13.57
C SER B 184 5.56 0.71 -13.46
N SER B 185 5.83 1.96 -13.11
CA SER B 185 7.21 2.38 -12.93
C SER B 185 7.41 2.80 -11.48
N VAL B 186 8.62 2.61 -10.95
CA VAL B 186 8.94 3.13 -9.65
C VAL B 186 10.27 3.88 -9.71
N THR B 187 10.32 5.08 -9.13
CA THR B 187 11.54 5.91 -9.12
C THR B 187 12.08 6.10 -7.69
N VAL B 188 13.35 5.73 -7.48
CA VAL B 188 14.00 5.89 -6.18
C VAL B 188 15.34 6.61 -6.35
N THR B 189 15.91 7.09 -5.23
CA THR B 189 17.27 7.66 -5.26
C THR B 189 18.25 6.59 -5.72
N SER B 190 19.31 7.02 -6.42
CA SER B 190 20.26 6.10 -7.02
C SER B 190 21.02 5.24 -5.99
N SER B 191 21.11 5.72 -4.75
CA SER B 191 21.78 4.96 -3.69
C SER B 191 20.91 3.82 -3.16
N THR B 192 19.60 3.88 -3.45
CA THR B 192 18.63 2.91 -2.94
C THR B 192 18.69 1.58 -3.68
N TRP B 193 18.90 1.63 -4.99
CA TRP B 193 18.92 0.42 -5.81
C TRP B 193 20.18 0.39 -6.66
N PRO B 194 20.80 -0.80 -6.84
CA PRO B 194 20.35 -2.14 -6.45
C PRO B 194 20.73 -2.57 -5.04
N SER B 195 21.31 -1.66 -4.25
CA SER B 195 21.70 -2.01 -2.88
C SER B 195 20.51 -2.61 -2.11
N GLN B 196 19.33 -2.03 -2.26
CA GLN B 196 18.11 -2.52 -1.60
C GLN B 196 17.16 -3.18 -2.57
N SER B 197 16.43 -4.19 -2.09
CA SER B 197 15.57 -4.97 -2.96
C SER B 197 14.32 -4.19 -3.37
N ILE B 198 14.00 -4.19 -4.66
CA ILE B 198 12.73 -3.66 -5.20
C ILE B 198 12.00 -4.77 -5.93
N THR B 199 10.78 -5.06 -5.48
CA THR B 199 10.04 -6.21 -5.96
C THR B 199 8.64 -5.76 -6.40
N CYS B 200 8.20 -6.23 -7.57
CA CYS B 200 6.87 -5.96 -8.10
C CYS B 200 5.98 -7.11 -7.62
N ASN B 201 4.90 -6.81 -6.90
CA ASN B 201 3.95 -7.89 -6.50
C ASN B 201 2.69 -7.81 -7.33
N VAL B 202 2.30 -8.91 -7.98
CA VAL B 202 1.21 -8.85 -8.93
C VAL B 202 0.22 -10.02 -8.69
N ALA B 203 -1.06 -9.72 -8.65
CA ALA B 203 -2.05 -10.80 -8.50
C ALA B 203 -3.17 -10.64 -9.50
N HIS B 204 -3.64 -11.77 -10.01
CA HIS B 204 -4.76 -11.79 -10.91
C HIS B 204 -5.73 -12.84 -10.38
N PRO B 205 -6.68 -12.41 -9.53
CA PRO B 205 -7.69 -13.32 -8.93
C PRO B 205 -8.38 -14.25 -9.94
N ALA B 206 -8.72 -13.75 -11.13
CA ALA B 206 -9.49 -14.53 -12.09
C ALA B 206 -8.78 -15.80 -12.56
N SER B 207 -7.46 -15.78 -12.63
CA SER B 207 -6.69 -16.96 -13.01
C SER B 207 -5.96 -17.62 -11.84
N SER B 208 -6.22 -17.13 -10.62
CA SER B 208 -5.52 -17.58 -9.41
C SER B 208 -3.98 -17.53 -9.58
N THR B 209 -3.49 -16.35 -9.97
CA THR B 209 -2.08 -16.12 -10.25
C THR B 209 -1.56 -15.07 -9.28
N LYS B 210 -0.45 -15.38 -8.61
CA LYS B 210 0.26 -14.43 -7.76
C LYS B 210 1.73 -14.56 -8.06
N VAL B 211 2.38 -13.42 -8.28
CA VAL B 211 3.79 -13.39 -8.71
C VAL B 211 4.51 -12.26 -7.98
N ASP B 212 5.69 -12.57 -7.46
CA ASP B 212 6.60 -11.55 -6.97
C ASP B 212 7.81 -11.52 -7.87
N LYS B 213 8.08 -10.38 -8.50
CA LYS B 213 9.22 -10.25 -9.40
C LYS B 213 10.19 -9.21 -8.86
N LYS B 214 11.33 -9.69 -8.35
CA LYS B 214 12.39 -8.80 -7.90
C LYS B 214 13.07 -8.19 -9.12
N ILE B 215 13.41 -6.91 -9.04
CA ILE B 215 14.12 -6.25 -10.16
C ILE B 215 15.63 -6.39 -9.96
N GLU B 216 16.28 -7.17 -10.81
CA GLU B 216 17.72 -7.42 -10.70
C GLU B 216 18.48 -6.58 -11.71
N PRO B 217 19.61 -5.96 -11.30
CA PRO B 217 20.45 -5.23 -12.26
C PRO B 217 20.93 -6.13 -13.40
N ARG B 218 21.06 -5.58 -14.61
CA ARG B 218 21.48 -6.38 -15.76
C ARG B 218 22.96 -6.77 -15.67
N GLU C 1 -2.39 -20.07 -7.72
CA GLU C 1 -2.90 -20.23 -6.35
C GLU C 1 -3.93 -19.23 -5.90
N LEU C 2 -4.57 -19.57 -4.78
CA LEU C 2 -5.67 -18.84 -4.22
C LEU C 2 -5.25 -17.45 -3.75
N VAL C 3 -5.72 -16.43 -4.46
CA VAL C 3 -5.41 -15.06 -4.12
C VAL C 3 -6.41 -14.59 -3.07
N MET C 4 -5.86 -14.03 -1.99
CA MET C 4 -6.61 -13.47 -0.88
C MET C 4 -6.53 -11.96 -0.97
N THR C 5 -7.63 -11.34 -1.37
CA THR C 5 -7.69 -9.91 -1.55
C THR C 5 -8.30 -9.24 -0.31
N GLN C 6 -7.45 -8.52 0.42
CA GLN C 6 -7.82 -7.93 1.68
C GLN C 6 -7.91 -6.41 1.57
N THR C 7 -9.00 -5.84 2.10
CA THR C 7 -9.20 -4.40 2.07
C THR C 7 -9.86 -3.92 3.38
N PRO C 8 -9.58 -2.68 3.81
CA PRO C 8 -8.71 -1.67 3.20
C PRO C 8 -7.24 -1.93 3.54
N LEU C 9 -6.32 -1.21 2.92
CA LEU C 9 -4.90 -1.31 3.29
C LEU C 9 -4.56 -0.68 4.64
N SER C 10 -5.28 0.38 4.97
CA SER C 10 -5.18 1.01 6.28
C SER C 10 -6.54 1.46 6.75
N LEU C 11 -6.75 1.37 8.07
CA LEU C 11 -8.04 1.63 8.66
C LEU C 11 -7.92 2.50 9.90
N PRO C 12 -8.03 3.84 9.71
CA PRO C 12 -8.08 4.80 10.81
C PRO C 12 -9.43 4.73 11.51
N VAL C 13 -9.41 4.57 12.84
CA VAL C 13 -10.61 4.36 13.65
C VAL C 13 -10.48 5.06 15.00
N SER C 14 -11.51 5.81 15.39
CA SER C 14 -11.59 6.39 16.73
C SER C 14 -11.79 5.31 17.79
N LEU C 15 -11.33 5.57 19.01
CA LEU C 15 -11.58 4.67 20.14
C LEU C 15 -13.10 4.55 20.37
N GLY C 16 -13.57 3.33 20.59
CA GLY C 16 -15.00 3.08 20.84
C GLY C 16 -15.84 2.80 19.60
N ASP C 17 -15.32 3.18 18.44
CA ASP C 17 -15.97 2.91 17.16
C ASP C 17 -15.82 1.45 16.74
N GLN C 18 -16.58 1.09 15.71
CA GLN C 18 -16.48 -0.23 15.10
C GLN C 18 -15.58 -0.21 13.87
N ALA C 19 -14.75 -1.24 13.72
CA ALA C 19 -13.97 -1.43 12.51
C ALA C 19 -14.42 -2.70 11.80
N SER C 20 -14.33 -2.72 10.49
CA SER C 20 -14.57 -3.96 9.74
C SER C 20 -13.54 -4.12 8.64
N ILE C 21 -13.03 -5.34 8.50
CA ILE C 21 -12.01 -5.67 7.53
C ILE C 21 -12.53 -6.80 6.66
N SER C 22 -12.33 -6.70 5.36
CA SER C 22 -12.82 -7.71 4.43
C SER C 22 -11.68 -8.53 3.79
N CYS C 23 -11.98 -9.80 3.51
CA CYS C 23 -11.10 -10.68 2.72
C CYS C 23 -11.89 -11.43 1.70
N ARG C 24 -11.44 -11.37 0.45
CA ARG C 24 -12.06 -12.13 -0.62
C ARG C 24 -11.07 -13.09 -1.23
N SER C 25 -11.48 -14.35 -1.35
CA SER C 25 -10.62 -15.38 -1.95
C SER C 25 -10.96 -15.58 -3.42
N SER C 26 -9.96 -15.98 -4.22
CA SER C 26 -10.18 -16.12 -5.66
C SER C 26 -10.97 -17.38 -6.02
N GLN C 27 -11.10 -18.29 -5.06
CA GLN C 27 -12.04 -19.40 -5.18
C GLN C 27 -12.57 -19.81 -3.81
N SER C 28 -13.60 -20.66 -3.82
CA SER C 28 -14.26 -21.10 -2.59
C SER C 28 -13.29 -21.73 -1.62
N LEU C 29 -13.38 -21.31 -0.37
CA LEU C 29 -12.61 -21.94 0.70
C LEU C 29 -13.39 -23.06 1.41
N VAL C 30 -14.57 -23.41 0.92
CA VAL C 30 -15.30 -24.55 1.48
C VAL C 30 -14.55 -25.85 1.16
N HIS C 31 -13.97 -26.46 2.19
CA HIS C 31 -13.27 -27.74 2.02
C HIS C 31 -14.27 -28.89 1.94
N SER C 32 -15.09 -29.03 2.99
CA SER C 32 -16.27 -29.91 3.06
C SER C 32 -17.24 -29.41 4.15
N TYR C 33 -18.33 -30.13 4.36
CA TYR C 33 -19.43 -29.68 5.26
C TYR C 33 -18.99 -29.25 6.67
N GLY C 34 -19.22 -27.97 6.99
CA GLY C 34 -18.79 -27.37 8.26
C GLY C 34 -17.30 -27.12 8.35
N ASN C 35 -16.60 -27.14 7.21
CA ASN C 35 -15.16 -26.93 7.18
C ASN C 35 -14.74 -25.91 6.13
N THR C 36 -14.72 -24.64 6.51
CA THR C 36 -14.16 -23.57 5.68
C THR C 36 -12.96 -23.03 6.42
N PHE C 37 -11.77 -23.23 5.88
CA PHE C 37 -10.55 -22.96 6.63
C PHE C 37 -10.04 -21.56 6.38
N LEU C 38 -10.68 -20.61 7.07
CA LEU C 38 -10.28 -19.21 7.05
C LEU C 38 -10.01 -18.72 8.46
N ASN C 39 -8.79 -18.21 8.64
CA ASN C 39 -8.32 -17.69 9.91
C ASN C 39 -8.06 -16.20 9.83
N TRP C 40 -8.19 -15.52 10.97
CA TRP C 40 -7.77 -14.12 11.12
C TRP C 40 -6.70 -14.02 12.18
N TYR C 41 -5.65 -13.26 11.89
CA TYR C 41 -4.55 -13.01 12.83
C TYR C 41 -4.39 -11.51 13.04
N LEU C 42 -3.81 -11.16 14.19
CA LEU C 42 -3.29 -9.81 14.45
C LEU C 42 -1.81 -9.93 14.73
N GLN C 43 -1.02 -9.13 14.02
CA GLN C 43 0.40 -9.00 14.30
C GLN C 43 0.68 -7.61 14.83
N LYS C 44 1.08 -7.54 16.09
CA LYS C 44 1.45 -6.27 16.73
C LYS C 44 2.91 -5.95 16.47
N SER C 45 3.24 -4.66 16.62
CA SER C 45 4.56 -4.14 16.38
C SER C 45 5.57 -4.96 17.18
N GLY C 46 6.59 -5.47 16.48
CA GLY C 46 7.67 -6.23 17.10
C GLY C 46 7.35 -7.66 17.47
N GLN C 47 6.15 -8.11 17.16
CA GLN C 47 5.67 -9.45 17.56
C GLN C 47 5.32 -10.33 16.36
N SER C 48 5.17 -11.64 16.60
CA SER C 48 4.69 -12.55 15.58
C SER C 48 3.15 -12.54 15.58
N PRO C 49 2.53 -13.06 14.49
CA PRO C 49 1.07 -13.09 14.43
C PRO C 49 0.46 -13.98 15.52
N LYS C 50 -0.72 -13.57 15.99
CA LYS C 50 -1.49 -14.34 16.97
C LYS C 50 -2.89 -14.62 16.44
N LEU C 51 -3.38 -15.84 16.65
CA LEU C 51 -4.72 -16.20 16.20
C LEU C 51 -5.84 -15.44 16.93
N LEU C 52 -6.76 -14.92 16.13
CA LEU C 52 -7.96 -14.23 16.60
C LEU C 52 -9.17 -15.11 16.40
N ILE C 53 -9.37 -15.53 15.15
CA ILE C 53 -10.56 -16.26 14.70
C ILE C 53 -10.12 -17.43 13.83
N TYR C 54 -10.71 -18.62 14.05
CA TYR C 54 -10.49 -19.78 13.17
C TYR C 54 -11.79 -20.30 12.56
N LYS C 55 -11.68 -20.94 11.40
CA LYS C 55 -12.81 -21.47 10.67
C LYS C 55 -13.93 -20.45 10.54
N VAL C 56 -13.56 -19.27 10.02
CA VAL C 56 -14.50 -18.18 9.64
C VAL C 56 -15.02 -17.36 10.83
N SER C 57 -15.55 -18.04 11.85
CA SER C 57 -16.34 -17.37 12.88
C SER C 57 -16.07 -17.77 14.34
N ASN C 58 -15.21 -18.76 14.55
CA ASN C 58 -14.89 -19.21 15.92
C ASN C 58 -13.83 -18.33 16.57
N ARG C 59 -14.19 -17.69 17.68
CA ARG C 59 -13.27 -16.85 18.41
C ARG C 59 -12.30 -17.72 19.19
N PHE C 60 -11.01 -17.42 19.07
CA PHE C 60 -9.98 -18.22 19.74
C PHE C 60 -9.92 -17.91 21.24
N SER C 61 -9.59 -18.92 22.04
CA SER C 61 -9.38 -18.76 23.48
C SER C 61 -8.55 -17.51 23.81
N GLY C 62 -9.07 -16.67 24.72
CA GLY C 62 -8.38 -15.47 25.17
C GLY C 62 -8.66 -14.21 24.35
N VAL C 63 -9.28 -14.38 23.19
CA VAL C 63 -9.61 -13.25 22.34
C VAL C 63 -10.88 -12.56 22.84
N PRO C 64 -10.79 -11.24 23.15
CA PRO C 64 -11.92 -10.45 23.62
C PRO C 64 -13.13 -10.59 22.71
N ASP C 65 -14.32 -10.55 23.32
CA ASP C 65 -15.60 -10.69 22.60
C ASP C 65 -15.90 -9.59 21.59
N ARG C 66 -15.08 -8.54 21.58
CA ARG C 66 -15.25 -7.42 20.64
C ARG C 66 -14.95 -7.85 19.21
N PHE C 67 -14.09 -8.86 19.07
CA PHE C 67 -13.71 -9.40 17.76
C PHE C 67 -14.68 -10.49 17.32
N SER C 68 -15.21 -10.35 16.10
CA SER C 68 -16.05 -11.41 15.53
C SER C 68 -15.77 -11.60 14.03
N GLY C 69 -16.03 -12.81 13.54
CA GLY C 69 -15.78 -13.13 12.15
C GLY C 69 -17.04 -13.67 11.49
N SER C 70 -17.22 -13.32 10.21
CA SER C 70 -18.33 -13.87 9.43
C SER C 70 -17.89 -14.12 8.00
N GLY C 71 -18.79 -14.71 7.22
CA GLY C 71 -18.52 -14.90 5.81
C GLY C 71 -18.91 -16.25 5.27
N SER C 72 -18.82 -16.39 3.96
CA SER C 72 -19.24 -17.60 3.29
C SER C 72 -18.49 -17.76 1.98
N GLY C 73 -17.96 -18.97 1.74
CA GLY C 73 -17.39 -19.33 0.45
C GLY C 73 -16.17 -18.52 0.06
N THR C 74 -16.40 -17.32 -0.48
CA THR C 74 -15.33 -16.44 -0.96
C THR C 74 -15.23 -15.08 -0.25
N ASP C 75 -16.29 -14.69 0.46
CA ASP C 75 -16.38 -13.37 1.10
C ASP C 75 -16.37 -13.47 2.62
N PHE C 76 -15.46 -12.75 3.26
CA PHE C 76 -15.23 -12.86 4.71
C PHE C 76 -14.96 -11.49 5.31
N THR C 77 -15.39 -11.31 6.55
CA THR C 77 -15.25 -10.05 7.25
C THR C 77 -14.85 -10.27 8.69
N LEU C 78 -13.84 -9.53 9.15
CA LEU C 78 -13.52 -9.43 10.56
C LEU C 78 -14.09 -8.11 11.05
N LYS C 79 -14.75 -8.17 12.20
CA LYS C 79 -15.32 -7.00 12.84
C LYS C 79 -14.74 -6.81 14.24
N ILE C 80 -14.37 -5.58 14.56
CA ILE C 80 -14.07 -5.17 15.94
C ILE C 80 -15.17 -4.20 16.33
N SER C 81 -15.91 -4.52 17.39
CA SER C 81 -17.17 -3.82 17.71
C SER C 81 -16.97 -2.45 18.39
N ARG C 82 -16.04 -2.38 19.33
CA ARG C 82 -15.68 -1.15 20.03
C ARG C 82 -14.16 -1.13 20.18
N VAL C 83 -13.49 -0.42 19.26
CA VAL C 83 -12.03 -0.42 19.19
C VAL C 83 -11.34 0.14 20.45
N GLU C 84 -10.29 -0.54 20.89
CA GLU C 84 -9.43 -0.10 22.00
C GLU C 84 -8.02 0.20 21.51
N ALA C 85 -7.28 1.01 22.26
CA ALA C 85 -5.94 1.47 21.87
C ALA C 85 -4.95 0.32 21.59
N GLU C 86 -5.03 -0.73 22.40
CA GLU C 86 -4.18 -1.91 22.26
C GLU C 86 -4.52 -2.78 21.03
N ASP C 87 -5.62 -2.44 20.34
CA ASP C 87 -6.06 -3.20 19.15
C ASP C 87 -5.23 -2.93 17.91
N LEU C 88 -4.37 -1.91 17.98
CA LEU C 88 -3.61 -1.46 16.81
C LEU C 88 -2.57 -2.49 16.35
N GLY C 89 -2.31 -2.49 15.05
CA GLY C 89 -1.38 -3.44 14.42
C GLY C 89 -1.88 -3.88 13.07
N VAL C 90 -1.34 -4.99 12.57
CA VAL C 90 -1.70 -5.47 11.24
C VAL C 90 -2.53 -6.74 11.36
N TYR C 91 -3.76 -6.64 10.86
CA TYR C 91 -4.68 -7.76 10.77
C TYR C 91 -4.59 -8.45 9.41
N PHE C 92 -4.55 -9.78 9.39
CA PHE C 92 -4.63 -10.45 8.09
C PHE C 92 -5.39 -11.76 8.11
N CYS C 93 -5.94 -12.12 6.95
CA CYS C 93 -6.63 -13.39 6.81
C CYS C 93 -5.68 -14.42 6.24
N SER C 94 -6.02 -15.69 6.39
CA SER C 94 -5.29 -16.75 5.74
C SER C 94 -6.21 -17.90 5.46
N GLN C 95 -5.92 -18.63 4.40
CA GLN C 95 -6.72 -19.77 4.00
C GLN C 95 -5.89 -21.02 4.13
N GLY C 96 -6.54 -22.09 4.61
CA GLY C 96 -5.89 -23.39 4.77
C GLY C 96 -6.64 -24.50 4.06
N THR C 97 -7.52 -24.13 3.13
CA THR C 97 -8.29 -25.13 2.36
C THR C 97 -7.46 -25.68 1.20
N HIS C 98 -6.64 -24.81 0.58
CA HIS C 98 -5.88 -25.16 -0.62
C HIS C 98 -4.39 -25.01 -0.38
N VAL C 99 -3.62 -25.96 -0.87
CA VAL C 99 -2.15 -25.86 -0.90
C VAL C 99 -1.73 -25.32 -2.27
N PRO C 100 -0.89 -24.27 -2.32
CA PRO C 100 -0.20 -23.56 -1.23
C PRO C 100 -1.12 -22.70 -0.40
N TYR C 101 -0.88 -22.68 0.91
CA TYR C 101 -1.58 -21.79 1.81
C TYR C 101 -1.17 -20.37 1.50
N THR C 102 -2.14 -19.46 1.56
CA THR C 102 -1.91 -18.07 1.15
C THR C 102 -2.49 -17.08 2.16
N PHE C 103 -1.99 -15.86 2.14
CA PHE C 103 -2.32 -14.83 3.11
C PHE C 103 -2.90 -13.59 2.43
N GLY C 104 -3.74 -12.84 3.14
CA GLY C 104 -4.14 -11.50 2.70
C GLY C 104 -2.97 -10.56 2.86
N GLY C 105 -2.99 -9.43 2.15
CA GLY C 105 -1.88 -8.48 2.20
C GLY C 105 -1.81 -7.59 3.44
N GLY C 106 -2.81 -7.71 4.31
CA GLY C 106 -2.81 -6.98 5.58
C GLY C 106 -3.63 -5.71 5.59
N THR C 107 -4.12 -5.35 6.79
CA THR C 107 -4.77 -4.07 7.07
C THR C 107 -4.15 -3.47 8.31
N LYS C 108 -3.51 -2.31 8.15
CA LYS C 108 -2.96 -1.60 9.29
C LYS C 108 -4.04 -0.77 9.97
N LEU C 109 -4.41 -1.18 11.18
CA LEU C 109 -5.40 -0.46 11.98
C LEU C 109 -4.70 0.66 12.76
N GLU C 110 -5.14 1.89 12.51
CA GLU C 110 -4.61 3.06 13.18
C GLU C 110 -5.66 3.65 14.13
N ILE C 111 -5.23 4.00 15.34
CA ILE C 111 -6.10 4.61 16.32
C ILE C 111 -6.08 6.13 16.15
N LYS C 112 -7.27 6.70 15.93
CA LYS C 112 -7.42 8.15 15.87
C LYS C 112 -7.32 8.72 17.27
N ARG C 113 -6.68 9.88 17.37
CA ARG C 113 -6.60 10.63 18.62
C ARG C 113 -6.53 12.11 18.30
N ALA C 114 -6.47 12.91 19.36
CA ALA C 114 -6.28 14.35 19.28
C ALA C 114 -4.91 14.67 18.69
N ASP C 115 -4.84 15.73 17.87
CA ASP C 115 -3.55 16.20 17.37
C ASP C 115 -2.60 16.49 18.53
N ALA C 116 -1.32 16.16 18.32
CA ALA C 116 -0.27 16.40 19.29
C ALA C 116 1.00 16.84 18.58
N ALA C 117 1.62 17.89 19.10
CA ALA C 117 2.88 18.42 18.62
C ALA C 117 4.04 17.47 18.95
N PRO C 118 5.02 17.36 18.04
CA PRO C 118 6.23 16.60 18.38
C PRO C 118 7.06 17.28 19.47
N THR C 119 7.68 16.48 20.33
CA THR C 119 8.72 16.97 21.23
C THR C 119 10.05 16.72 20.55
N VAL C 120 10.77 17.81 20.28
CA VAL C 120 11.93 17.78 19.39
C VAL C 120 13.23 18.01 20.18
N SER C 121 14.19 17.11 20.01
CA SER C 121 15.48 17.18 20.69
C SER C 121 16.62 17.01 19.68
N ILE C 122 17.65 17.83 19.80
CA ILE C 122 18.80 17.78 18.88
C ILE C 122 20.10 17.37 19.60
N PHE C 123 20.96 16.60 18.93
CA PHE C 123 22.17 16.06 19.56
C PHE C 123 23.43 16.23 18.69
N PRO C 124 24.42 16.98 19.18
CA PRO C 124 25.69 17.09 18.47
C PRO C 124 26.39 15.74 18.35
N PRO C 125 27.37 15.62 17.42
CA PRO C 125 28.21 14.43 17.27
C PRO C 125 28.88 14.09 18.60
N SER C 126 29.03 12.81 18.92
CA SER C 126 29.83 12.44 20.10
C SER C 126 31.34 12.59 19.81
N SER C 127 32.15 12.67 20.85
CA SER C 127 33.61 12.74 20.65
C SER C 127 34.14 11.41 20.11
N GLU C 128 33.53 10.32 20.54
CA GLU C 128 33.84 8.99 20.04
C GLU C 128 33.77 8.93 18.50
N GLN C 129 32.66 9.41 17.95
CA GLN C 129 32.51 9.40 16.50
C GLN C 129 33.51 10.32 15.79
N LEU C 130 33.71 11.51 16.36
CA LEU C 130 34.61 12.51 15.79
C LEU C 130 36.05 12.01 15.63
N THR C 131 36.50 11.20 16.58
CA THR C 131 37.87 10.68 16.57
C THR C 131 38.06 9.65 15.43
N SER C 132 36.96 9.07 14.95
CA SER C 132 37.00 8.20 13.78
C SER C 132 36.73 8.95 12.46
N GLY C 133 36.57 10.27 12.52
CA GLY C 133 36.47 11.09 11.32
C GLY C 133 35.06 11.30 10.82
N GLY C 134 34.08 10.96 11.65
CA GLY C 134 32.66 11.12 11.33
C GLY C 134 31.93 12.09 12.25
N ALA C 135 30.76 12.56 11.80
CA ALA C 135 29.98 13.54 12.56
C ALA C 135 28.52 13.41 12.18
N SER C 136 27.78 12.62 12.94
CA SER C 136 26.34 12.53 12.76
C SER C 136 25.66 13.46 13.76
N VAL C 137 24.71 14.22 13.26
CA VAL C 137 23.88 15.05 14.13
C VAL C 137 22.50 14.40 14.10
N VAL C 138 21.95 14.16 15.29
CA VAL C 138 20.67 13.47 15.41
C VAL C 138 19.54 14.38 15.91
N CYS C 139 18.36 14.19 15.35
CA CYS C 139 17.15 14.88 15.80
C CYS C 139 16.05 13.86 16.10
N PHE C 140 15.52 13.87 17.32
CA PHE C 140 14.32 13.07 17.63
C PHE C 140 13.07 13.95 17.64
N LEU C 141 12.01 13.49 16.99
CA LEU C 141 10.72 14.17 16.99
C LEU C 141 9.71 13.19 17.57
N ASN C 142 9.43 13.33 18.86
CA ASN C 142 8.74 12.28 19.58
C ASN C 142 7.26 12.57 19.89
N ASN C 143 6.46 11.50 19.85
CA ASN C 143 5.07 11.51 20.36
C ASN C 143 4.15 12.55 19.71
N PHE C 144 4.04 12.49 18.38
CA PHE C 144 3.16 13.40 17.65
C PHE C 144 2.02 12.66 16.97
N TYR C 145 0.96 13.41 16.64
CA TYR C 145 -0.15 12.89 15.88
C TYR C 145 -0.79 14.10 15.20
N PRO C 146 -1.12 13.99 13.89
CA PRO C 146 -1.04 12.82 12.99
C PRO C 146 0.39 12.48 12.51
N LYS C 147 0.50 11.38 11.75
CA LYS C 147 1.80 10.81 11.36
C LYS C 147 2.56 11.69 10.38
N ASP C 148 1.82 12.48 9.62
CA ASP C 148 2.40 13.29 8.56
C ASP C 148 3.28 14.39 9.16
N ILE C 149 4.56 14.38 8.81
CA ILE C 149 5.49 15.34 9.37
C ILE C 149 6.60 15.62 8.35
N ASN C 150 7.14 16.84 8.38
CA ASN C 150 8.28 17.21 7.56
C ASN C 150 9.44 17.71 8.40
N VAL C 151 10.65 17.22 8.12
CA VAL C 151 11.85 17.65 8.82
C VAL C 151 12.87 18.24 7.84
N LYS C 152 13.46 19.36 8.22
CA LYS C 152 14.40 20.05 7.35
C LYS C 152 15.64 20.38 8.14
N TRP C 153 16.80 20.08 7.54
CA TRP C 153 18.10 20.35 8.17
C TRP C 153 18.70 21.63 7.61
N LYS C 154 19.26 22.46 8.49
CA LYS C 154 20.01 23.64 8.06
C LYS C 154 21.38 23.73 8.68
N ILE C 155 22.34 24.11 7.86
CA ILE C 155 23.71 24.30 8.31
C ILE C 155 24.10 25.75 8.01
N ASP C 156 24.49 26.48 9.05
CA ASP C 156 24.74 27.92 8.96
C ASP C 156 23.60 28.66 8.25
N GLY C 157 22.37 28.15 8.42
CA GLY C 157 21.17 28.76 7.85
C GLY C 157 20.79 28.28 6.46
N SER C 158 21.59 27.38 5.89
CA SER C 158 21.34 26.84 4.55
C SER C 158 20.83 25.40 4.57
N GLU C 159 19.78 25.13 3.79
CA GLU C 159 19.17 23.80 3.73
C GLU C 159 20.13 22.72 3.21
N ARG C 160 20.11 21.57 3.86
CA ARG C 160 20.95 20.44 3.51
C ARG C 160 20.11 19.17 3.36
N GLN C 161 20.18 18.55 2.20
CA GLN C 161 19.31 17.41 1.89
C GLN C 161 20.02 16.07 1.81
N ASN C 162 21.24 16.04 1.29
CA ASN C 162 21.92 14.75 1.27
C ASN C 162 22.64 14.43 2.58
N GLY C 163 22.78 13.14 2.84
CA GLY C 163 23.35 12.66 4.08
C GLY C 163 22.32 12.51 5.19
N VAL C 164 21.05 12.80 4.90
CA VAL C 164 19.95 12.68 5.88
C VAL C 164 19.27 11.32 5.81
N LEU C 165 19.17 10.64 6.95
CA LEU C 165 18.49 9.35 7.03
C LEU C 165 17.37 9.40 8.07
N ASN C 166 16.16 9.00 7.67
CA ASN C 166 14.98 9.11 8.53
C ASN C 166 14.37 7.76 8.85
N SER C 167 13.76 7.65 10.02
CA SER C 167 13.11 6.43 10.44
C SER C 167 11.92 6.78 11.33
N TRP C 168 10.82 6.04 11.16
CA TRP C 168 9.58 6.28 11.88
C TRP C 168 9.21 5.02 12.65
N THR C 169 8.74 5.19 13.89
CA THR C 169 8.23 4.08 14.69
C THR C 169 6.81 3.71 14.25
N ASP C 170 6.35 2.52 14.63
CA ASP C 170 4.93 2.16 14.54
C ASP C 170 4.16 2.98 15.59
N GLN C 171 2.87 3.12 15.39
CA GLN C 171 2.02 3.86 16.34
C GLN C 171 2.11 3.22 17.72
N ASP C 172 2.29 4.05 18.72
CA ASP C 172 2.44 3.64 20.12
C ASP C 172 1.14 3.08 20.69
N SER C 173 1.23 1.93 21.35
CA SER C 173 0.06 1.25 21.90
C SER C 173 -0.54 1.94 23.13
N LYS C 174 0.25 2.80 23.77
CA LYS C 174 -0.17 3.48 25.00
C LYS C 174 -0.83 4.84 24.77
N ASP C 175 -0.25 5.67 23.91
CA ASP C 175 -0.78 7.01 23.70
C ASP C 175 -1.19 7.29 22.25
N SER C 176 -1.10 6.26 21.39
CA SER C 176 -1.53 6.35 19.98
C SER C 176 -0.76 7.36 19.13
N THR C 177 0.44 7.75 19.58
CA THR C 177 1.28 8.70 18.83
C THR C 177 2.35 8.01 17.98
N TYR C 178 3.07 8.83 17.21
CA TYR C 178 4.16 8.37 16.37
C TYR C 178 5.42 9.12 16.80
N SER C 179 6.58 8.54 16.50
CA SER C 179 7.86 9.22 16.71
C SER C 179 8.76 9.04 15.48
N MET C 180 9.76 9.90 15.34
CA MET C 180 10.63 9.91 14.17
C MET C 180 12.04 10.29 14.59
N SER C 181 13.03 9.63 13.99
CA SER C 181 14.44 9.95 14.18
C SER C 181 15.01 10.42 12.84
N SER C 182 15.74 11.53 12.85
CA SER C 182 16.42 11.99 11.64
C SER C 182 17.90 12.20 11.95
N THR C 183 18.77 11.59 11.15
CA THR C 183 20.21 11.73 11.31
C THR C 183 20.85 12.35 10.08
N LEU C 184 21.52 13.47 10.28
CA LEU C 184 22.37 14.08 9.26
C LEU C 184 23.82 13.63 9.47
N THR C 185 24.36 12.85 8.52
CA THR C 185 25.75 12.40 8.66
C THR C 185 26.71 13.20 7.79
N LEU C 186 27.66 13.85 8.47
CA LEU C 186 28.71 14.66 7.88
C LEU C 186 30.05 14.00 8.18
N THR C 187 31.11 14.47 7.53
CA THR C 187 32.44 14.11 7.92
C THR C 187 32.87 15.09 9.02
N LYS C 188 33.90 14.71 9.77
CA LYS C 188 34.47 15.57 10.79
C LYS C 188 34.91 16.91 10.19
N ASP C 189 35.53 16.88 9.01
CA ASP C 189 35.87 18.12 8.28
C ASP C 189 34.66 19.03 8.02
N GLU C 190 33.58 18.45 7.48
CA GLU C 190 32.34 19.19 7.23
C GLU C 190 31.76 19.81 8.49
N TYR C 191 31.72 19.04 9.56
CA TYR C 191 31.23 19.50 10.86
C TYR C 191 32.04 20.69 11.36
N GLU C 192 33.36 20.64 11.16
CA GLU C 192 34.26 21.64 11.73
C GLU C 192 34.35 22.93 10.93
N ARG C 193 33.89 22.93 9.68
CA ARG C 193 33.92 24.17 8.89
C ARG C 193 32.66 25.03 9.05
N HIS C 194 31.64 24.50 9.74
CA HIS C 194 30.39 25.21 9.99
C HIS C 194 30.11 25.38 11.50
N ASN C 195 29.15 26.24 11.83
CA ASN C 195 28.88 26.53 13.23
C ASN C 195 27.48 26.13 13.73
N SER C 196 26.45 26.57 13.02
CA SER C 196 25.06 26.36 13.45
C SER C 196 24.43 25.16 12.77
N TYR C 197 23.83 24.27 13.56
CA TYR C 197 23.11 23.12 13.05
C TYR C 197 21.66 23.15 13.54
N THR C 198 20.73 22.97 12.60
CA THR C 198 19.31 23.16 12.89
C THR C 198 18.45 22.03 12.33
N CYS C 199 17.58 21.49 13.19
CA CYS C 199 16.51 20.55 12.85
C CYS C 199 15.19 21.35 12.89
N GLU C 200 14.47 21.44 11.76
CA GLU C 200 13.17 22.14 11.67
C GLU C 200 12.00 21.20 11.38
N ALA C 201 11.04 21.12 12.28
CA ALA C 201 9.87 20.25 12.09
C ALA C 201 8.62 21.04 11.70
N THR C 202 7.96 20.60 10.64
CA THR C 202 6.68 21.17 10.23
C THR C 202 5.60 20.11 10.37
N HIS C 203 4.57 20.46 11.12
CA HIS C 203 3.50 19.56 11.49
C HIS C 203 2.22 20.41 11.55
N LYS C 204 1.08 19.83 11.14
CA LYS C 204 -0.18 20.58 11.05
C LYS C 204 -0.59 21.22 12.38
N THR C 205 0.07 20.77 13.44
CA THR C 205 -0.12 21.22 14.81
C THR C 205 0.34 22.68 15.01
N SER C 206 0.99 23.26 14.00
CA SER C 206 1.43 24.66 14.04
C SER C 206 1.77 25.20 12.66
N THR C 207 1.53 26.51 12.47
CA THR C 207 1.93 27.24 11.27
C THR C 207 3.44 27.53 11.24
N SER C 208 4.01 27.77 12.42
CA SER C 208 5.45 27.99 12.52
C SER C 208 6.14 26.63 12.71
N PRO C 209 7.27 26.43 12.02
CA PRO C 209 8.10 25.24 12.25
C PRO C 209 8.67 25.19 13.66
N ILE C 210 8.64 24.00 14.27
CA ILE C 210 9.30 23.76 15.54
C ILE C 210 10.79 23.62 15.26
N VAL C 211 11.60 24.47 15.89
CA VAL C 211 13.02 24.57 15.57
C VAL C 211 13.92 24.28 16.78
N LYS C 212 14.86 23.35 16.59
CA LYS C 212 15.89 23.08 17.58
C LYS C 212 17.27 23.25 16.96
N SER C 213 18.17 23.91 17.68
CA SER C 213 19.49 24.28 17.16
C SER C 213 20.57 24.20 18.21
N PHE C 214 21.83 24.16 17.74
CA PHE C 214 22.99 24.35 18.62
C PHE C 214 24.12 25.00 17.82
N ASN C 215 25.04 25.63 18.55
CA ASN C 215 26.23 26.22 17.94
C ASN C 215 27.43 25.40 18.31
N ARG C 216 28.28 25.15 17.32
CA ARG C 216 29.46 24.33 17.51
C ARG C 216 30.45 25.00 18.45
N ASN C 217 30.61 26.32 18.31
CA ASN C 217 31.56 27.08 19.12
C ASN C 217 31.16 27.23 20.60
N GLU C 218 30.03 26.63 20.97
CA GLU C 218 29.51 26.71 22.33
C GLU C 218 29.16 25.33 22.88
N CYS C 219 28.86 24.40 21.98
CA CYS C 219 28.36 23.07 22.31
C CYS C 219 28.82 22.00 21.33
N GLU D 1 0.21 -23.98 27.82
CA GLU D 1 1.35 -23.03 27.66
C GLU D 1 2.18 -23.42 26.44
N VAL D 2 1.67 -23.14 25.25
CA VAL D 2 2.36 -23.50 24.01
C VAL D 2 3.44 -22.47 23.68
N LYS D 3 4.62 -22.97 23.32
CA LYS D 3 5.78 -22.13 23.03
C LYS D 3 6.56 -22.73 21.86
N LEU D 4 6.90 -21.89 20.89
CA LEU D 4 7.70 -22.28 19.73
C LEU D 4 8.91 -21.37 19.62
N GLU D 5 10.10 -21.95 19.46
CA GLU D 5 11.34 -21.20 19.41
C GLU D 5 12.21 -21.59 18.22
N GLU D 6 12.35 -20.67 17.24
CA GLU D 6 13.24 -20.91 16.09
C GLU D 6 14.68 -20.49 16.38
N SER D 7 15.65 -21.18 15.77
CA SER D 7 17.03 -20.72 15.74
C SER D 7 17.69 -21.08 14.40
N GLY D 8 18.88 -20.54 14.16
CA GLY D 8 19.69 -20.95 13.00
C GLY D 8 19.85 -19.88 11.96
N GLY D 9 19.11 -18.78 12.11
CA GLY D 9 19.21 -17.66 11.18
C GLY D 9 20.56 -16.97 11.22
N GLY D 10 20.77 -16.04 10.31
CA GLY D 10 22.00 -15.29 10.23
C GLY D 10 22.29 -14.94 8.79
N LEU D 11 23.52 -14.57 8.51
CA LEU D 11 23.95 -14.17 7.18
C LEU D 11 24.54 -15.36 6.41
N VAL D 12 24.11 -15.52 5.16
CA VAL D 12 24.66 -16.52 4.26
C VAL D 12 24.84 -15.90 2.88
N GLN D 13 25.91 -16.30 2.18
CA GLN D 13 26.18 -15.88 0.80
C GLN D 13 25.17 -16.49 -0.18
N PRO D 14 24.84 -15.76 -1.27
CA PRO D 14 24.07 -16.38 -2.36
C PRO D 14 24.73 -17.69 -2.82
N GLY D 15 23.90 -18.71 -3.02
CA GLY D 15 24.35 -20.05 -3.38
C GLY D 15 24.60 -20.92 -2.17
N GLY D 16 24.62 -20.30 -0.99
CA GLY D 16 24.93 -20.99 0.26
C GLY D 16 23.79 -21.80 0.83
N SER D 17 24.04 -22.38 2.00
CA SER D 17 23.07 -23.19 2.71
C SER D 17 22.94 -22.77 4.18
N MET D 18 21.81 -23.11 4.79
CA MET D 18 21.50 -22.78 6.18
C MET D 18 20.50 -23.79 6.71
N LYS D 19 20.61 -24.19 7.97
CA LYS D 19 19.60 -25.05 8.54
C LYS D 19 18.93 -24.35 9.73
N LEU D 20 17.60 -24.27 9.68
CA LEU D 20 16.84 -23.71 10.80
C LEU D 20 16.26 -24.80 11.67
N SER D 21 16.21 -24.51 12.97
CA SER D 21 15.64 -25.43 13.95
C SER D 21 14.46 -24.76 14.66
N CYS D 22 13.43 -25.54 14.95
CA CYS D 22 12.30 -25.06 15.74
C CYS D 22 11.93 -26.05 16.86
N VAL D 23 12.06 -25.64 18.12
CA VAL D 23 11.68 -26.50 19.25
C VAL D 23 10.35 -26.10 19.87
N VAL D 24 9.44 -27.08 19.98
CA VAL D 24 8.09 -26.87 20.46
C VAL D 24 7.89 -27.49 21.87
N SER D 25 7.33 -26.71 22.77
CA SER D 25 6.98 -27.17 24.12
C SER D 25 5.59 -26.70 24.47
N GLY D 26 4.84 -27.54 25.21
CA GLY D 26 3.51 -27.19 25.69
C GLY D 26 2.38 -28.00 25.08
N LEU D 27 2.70 -28.87 24.13
CA LEU D 27 1.70 -29.75 23.50
C LEU D 27 2.29 -31.07 22.99
N THR D 28 1.44 -31.98 22.48
CA THR D 28 1.95 -33.25 21.96
C THR D 28 2.38 -33.05 20.48
N PHE D 29 3.65 -32.67 20.31
CA PHE D 29 4.27 -32.35 19.02
C PHE D 29 3.83 -33.27 17.87
N SER D 30 3.98 -34.58 18.09
CA SER D 30 3.80 -35.59 17.05
C SER D 30 2.38 -35.71 16.55
N ARG D 31 1.43 -35.09 17.26
CA ARG D 31 0.02 -35.15 16.85
C ARG D 31 -0.42 -34.15 15.78
N PHE D 32 0.39 -33.11 15.54
CA PHE D 32 -0.06 -32.01 14.65
C PHE D 32 0.85 -31.72 13.44
N TRP D 33 0.23 -31.29 12.34
CA TRP D 33 0.91 -30.78 11.15
C TRP D 33 1.68 -29.52 11.49
N MET D 34 2.79 -29.31 10.78
CA MET D 34 3.67 -28.15 11.01
C MET D 34 4.17 -27.52 9.70
N SER D 35 4.42 -26.22 9.73
CA SER D 35 4.84 -25.47 8.55
C SER D 35 5.94 -24.46 8.91
N TRP D 36 6.70 -24.06 7.90
CA TRP D 36 7.46 -22.82 7.96
C TRP D 36 6.74 -21.77 7.08
N VAL D 37 6.75 -20.53 7.53
CA VAL D 37 6.19 -19.36 6.82
C VAL D 37 7.26 -18.28 6.92
N ARG D 38 7.50 -17.52 5.85
CA ARG D 38 8.44 -16.41 5.96
C ARG D 38 7.81 -15.05 5.73
N GLN D 39 8.47 -14.01 6.23
CA GLN D 39 7.92 -12.65 6.09
C GLN D 39 9.03 -11.66 5.70
N SER D 40 8.73 -10.82 4.72
CA SER D 40 9.62 -9.77 4.28
C SER D 40 8.82 -8.52 3.96
N PRO D 41 9.45 -7.35 4.12
CA PRO D 41 8.82 -6.12 3.66
C PRO D 41 8.58 -6.14 2.14
N GLU D 42 9.40 -6.87 1.39
CA GLU D 42 9.27 -6.89 -0.08
C GLU D 42 8.10 -7.73 -0.62
N LYS D 43 7.73 -8.79 0.11
CA LYS D 43 6.75 -9.77 -0.39
C LYS D 43 5.61 -10.06 0.58
N GLY D 44 5.74 -9.60 1.83
CA GLY D 44 4.79 -9.95 2.91
C GLY D 44 4.96 -11.38 3.38
N LEU D 45 3.85 -12.04 3.72
CA LEU D 45 3.91 -13.40 4.23
C LEU D 45 3.83 -14.45 3.13
N GLU D 46 4.72 -15.43 3.21
CA GLU D 46 4.72 -16.55 2.26
C GLU D 46 4.80 -17.84 3.01
N TRP D 47 3.82 -18.71 2.83
CA TRP D 47 3.96 -20.08 3.32
C TRP D 47 5.06 -20.79 2.50
N VAL D 48 5.93 -21.53 3.19
CA VAL D 48 7.14 -22.13 2.60
C VAL D 48 6.99 -23.66 2.42
N ALA D 49 6.64 -24.36 3.51
CA ALA D 49 6.56 -25.83 3.48
C ALA D 49 5.76 -26.37 4.64
N GLU D 50 5.05 -27.47 4.40
CA GLU D 50 4.30 -28.22 5.44
C GLU D 50 4.81 -29.65 5.60
N ILE D 51 4.78 -30.16 6.82
CA ILE D 51 5.04 -31.58 7.07
C ILE D 51 3.93 -32.17 7.95
N ARG D 52 3.44 -33.34 7.58
CA ARG D 52 2.34 -33.97 8.29
C ARG D 52 2.84 -35.04 9.25
N LEU D 53 2.01 -36.05 9.54
CA LEU D 53 2.27 -36.95 10.65
C LEU D 53 2.96 -38.26 10.24
N LYS D 54 3.40 -39.04 11.23
CA LYS D 54 3.91 -40.40 10.97
C LYS D 54 2.88 -41.23 10.19
N SER D 55 1.62 -41.18 10.62
CA SER D 55 0.52 -41.91 9.98
C SER D 55 0.30 -41.50 8.51
N ASP D 56 0.95 -40.42 8.09
CA ASP D 56 0.89 -39.90 6.71
C ASP D 56 2.17 -40.23 5.94
N ASN D 57 3.06 -40.98 6.58
CA ASN D 57 4.42 -41.24 6.10
C ASN D 57 5.22 -39.94 5.97
N TYR D 58 5.03 -39.05 6.95
CA TYR D 58 5.66 -37.72 6.97
C TYR D 58 5.57 -36.94 5.64
N ALA D 59 4.41 -37.01 5.00
CA ALA D 59 4.13 -36.32 3.74
C ALA D 59 4.44 -34.83 3.83
N THR D 60 5.12 -34.30 2.81
CA THR D 60 5.55 -32.89 2.80
C THR D 60 4.95 -32.14 1.61
N HIS D 61 4.73 -30.85 1.77
CA HIS D 61 4.33 -29.99 0.66
C HIS D 61 5.20 -28.76 0.67
N TYR D 62 5.50 -28.23 -0.52
CA TYR D 62 6.32 -27.03 -0.66
C TYR D 62 5.68 -26.00 -1.57
N ALA D 63 5.91 -24.72 -1.28
CA ALA D 63 5.66 -23.67 -2.25
C ALA D 63 6.55 -23.94 -3.46
N GLU D 64 6.01 -23.64 -4.63
CA GLU D 64 6.74 -23.89 -5.88
C GLU D 64 8.07 -23.15 -5.93
N SER D 65 8.12 -21.97 -5.29
CA SER D 65 9.31 -21.12 -5.26
C SER D 65 10.49 -21.76 -4.52
N VAL D 66 10.21 -22.67 -3.59
CA VAL D 66 11.27 -23.26 -2.74
C VAL D 66 11.40 -24.79 -2.91
N LYS D 67 10.51 -25.39 -3.68
CA LYS D 67 10.56 -26.83 -3.95
C LYS D 67 11.89 -27.23 -4.59
N GLY D 68 12.61 -28.15 -3.95
CA GLY D 68 13.91 -28.60 -4.45
C GLY D 68 15.08 -27.68 -4.12
N LYS D 69 14.85 -26.71 -3.23
CA LYS D 69 15.87 -25.89 -2.60
C LYS D 69 15.80 -26.13 -1.11
N PHE D 70 14.58 -26.23 -0.59
CA PHE D 70 14.35 -26.32 0.85
C PHE D 70 13.87 -27.72 1.18
N THR D 71 14.25 -28.22 2.36
CA THR D 71 13.70 -29.47 2.90
C THR D 71 13.22 -29.30 4.34
N ILE D 72 11.94 -29.60 4.56
CA ILE D 72 11.33 -29.59 5.89
C ILE D 72 11.39 -31.01 6.48
N SER D 73 11.73 -31.11 7.76
CA SER D 73 11.74 -32.40 8.44
C SER D 73 11.40 -32.21 9.90
N ARG D 74 11.00 -33.30 10.57
CA ARG D 74 10.67 -33.26 11.99
C ARG D 74 11.29 -34.43 12.77
N ASP D 75 11.54 -34.21 14.05
CA ASP D 75 12.00 -35.24 14.97
C ASP D 75 10.99 -35.35 16.10
N ASP D 76 10.02 -36.26 15.95
CA ASP D 76 8.90 -36.39 16.88
C ASP D 76 9.34 -36.74 18.29
N SER D 77 10.36 -37.58 18.40
CA SER D 77 10.93 -37.95 19.70
C SER D 77 11.52 -36.75 20.45
N LYS D 78 11.84 -35.68 19.73
CA LYS D 78 12.50 -34.50 20.32
C LYS D 78 11.71 -33.19 20.19
N SER D 79 10.54 -33.28 19.57
CA SER D 79 9.66 -32.12 19.37
C SER D 79 10.38 -30.95 18.68
N ARG D 80 11.16 -31.30 17.66
CA ARG D 80 11.84 -30.31 16.86
C ARG D 80 11.51 -30.39 15.38
N LEU D 81 11.27 -29.22 14.78
CA LEU D 81 11.07 -29.09 13.34
C LEU D 81 12.31 -28.45 12.72
N TYR D 82 12.63 -28.84 11.49
CA TYR D 82 13.79 -28.32 10.78
C TYR D 82 13.44 -27.82 9.39
N LEU D 83 14.25 -26.90 8.89
CA LEU D 83 14.22 -26.45 7.49
C LEU D 83 15.64 -26.33 6.97
N GLN D 84 16.01 -27.23 6.07
CA GLN D 84 17.28 -27.17 5.40
C GLN D 84 17.10 -26.28 4.17
N MET D 85 17.87 -25.23 4.07
CA MET D 85 17.77 -24.32 2.95
C MET D 85 19.03 -24.38 2.12
N ASN D 86 18.91 -24.81 0.87
CA ASN D 86 20.05 -24.89 -0.06
C ASN D 86 19.85 -23.94 -1.23
N SER D 87 20.94 -23.65 -1.94
CA SER D 87 20.90 -22.86 -3.18
C SER D 87 20.20 -21.51 -2.97
N LEU D 88 20.52 -20.86 -1.86
CA LEU D 88 19.85 -19.63 -1.43
C LEU D 88 20.08 -18.45 -2.35
N ARG D 89 19.03 -17.62 -2.48
CA ARG D 89 19.11 -16.41 -3.27
C ARG D 89 18.76 -15.23 -2.38
N THR D 90 19.12 -14.04 -2.82
CA THR D 90 18.79 -12.82 -2.06
C THR D 90 17.27 -12.69 -1.76
N GLU D 91 16.42 -13.14 -2.67
CA GLU D 91 14.97 -13.06 -2.42
C GLU D 91 14.47 -14.07 -1.37
N ASP D 92 15.37 -14.92 -0.86
CA ASP D 92 15.00 -15.82 0.24
C ASP D 92 15.21 -15.13 1.59
N THR D 93 15.74 -13.93 1.58
CA THR D 93 15.87 -13.14 2.82
C THR D 93 14.49 -12.91 3.43
N GLY D 94 14.37 -13.16 4.73
CA GLY D 94 13.17 -12.80 5.47
C GLY D 94 13.24 -13.30 6.91
N ILE D 95 12.20 -13.01 7.67
CA ILE D 95 11.99 -13.64 9.00
C ILE D 95 11.28 -14.98 8.79
N TYR D 96 11.89 -16.07 9.27
CA TYR D 96 11.31 -17.39 9.12
C TYR D 96 10.69 -17.82 10.43
N TYR D 97 9.42 -18.19 10.34
CA TYR D 97 8.61 -18.61 11.49
C TYR D 97 8.23 -20.07 11.37
N CYS D 98 8.35 -20.84 12.46
CA CYS D 98 7.69 -22.13 12.49
C CYS D 98 6.28 -21.98 13.10
N LYS D 99 5.37 -22.89 12.74
CA LYS D 99 3.98 -22.79 13.16
C LYS D 99 3.35 -24.15 13.31
N ILE D 100 2.55 -24.30 14.36
CA ILE D 100 1.86 -25.57 14.65
C ILE D 100 0.34 -25.33 14.68
N TYR D 101 -0.43 -26.27 14.16
CA TYR D 101 -1.85 -26.02 13.91
C TYR D 101 -2.73 -27.28 13.83
N PHE D 102 -4.03 -27.04 13.97
CA PHE D 102 -5.06 -28.07 14.06
C PHE D 102 -6.34 -27.29 13.70
N TYR D 103 -7.47 -27.98 13.61
CA TYR D 103 -8.73 -27.35 13.23
C TYR D 103 -9.05 -26.13 14.09
N SER D 104 -8.67 -26.20 15.37
CA SER D 104 -9.11 -25.19 16.35
C SER D 104 -8.00 -24.32 16.95
N PHE D 105 -6.77 -24.48 16.47
CA PHE D 105 -5.66 -23.63 16.91
C PHE D 105 -4.56 -23.44 15.86
N SER D 106 -3.77 -22.39 16.07
CA SER D 106 -2.60 -22.07 15.27
C SER D 106 -1.65 -21.22 16.10
N TYR D 107 -0.40 -21.65 16.27
CA TYR D 107 0.58 -20.87 17.03
C TYR D 107 1.82 -20.62 16.20
N TRP D 108 2.41 -19.43 16.33
CA TRP D 108 3.66 -19.10 15.59
C TRP D 108 4.81 -18.86 16.54
N GLY D 109 6.03 -19.16 16.13
CA GLY D 109 7.23 -18.89 16.94
C GLY D 109 7.59 -17.42 16.93
N GLN D 110 8.74 -17.03 17.47
CA GLN D 110 9.14 -15.62 17.44
C GLN D 110 9.80 -15.21 16.13
N GLY D 111 10.18 -16.18 15.31
CA GLY D 111 10.87 -15.89 14.06
C GLY D 111 12.39 -15.85 14.18
N THR D 112 13.08 -16.29 13.13
CA THR D 112 14.52 -16.10 13.04
C THR D 112 14.88 -15.44 11.70
N LEU D 113 15.71 -14.40 11.72
CA LEU D 113 16.05 -13.63 10.53
C LEU D 113 17.14 -14.30 9.69
N VAL D 114 16.78 -14.58 8.44
CA VAL D 114 17.72 -15.09 7.46
C VAL D 114 18.07 -13.97 6.47
N THR D 115 19.35 -13.63 6.38
CA THR D 115 19.82 -12.66 5.38
C THR D 115 20.76 -13.33 4.37
N VAL D 116 20.35 -13.31 3.10
CA VAL D 116 21.19 -13.85 2.01
C VAL D 116 21.74 -12.67 1.23
N SER D 117 23.05 -12.54 1.27
CA SER D 117 23.72 -11.34 0.76
C SER D 117 25.20 -11.59 0.58
N ALA D 118 25.78 -10.98 -0.45
CA ALA D 118 27.23 -11.09 -0.67
C ALA D 118 28.00 -10.18 0.28
N ALA D 119 27.29 -9.30 1.00
CA ALA D 119 27.94 -8.36 1.91
C ALA D 119 28.44 -9.06 3.14
N LYS D 120 29.46 -8.48 3.75
CA LYS D 120 30.18 -9.10 4.86
C LYS D 120 29.74 -8.58 6.22
N THR D 121 29.85 -9.44 7.22
CA THR D 121 29.47 -9.12 8.60
C THR D 121 30.31 -7.96 9.09
N THR D 122 29.62 -6.93 9.61
CA THR D 122 30.29 -5.75 10.18
C THR D 122 29.65 -5.43 11.52
N ALA D 123 30.50 -5.29 12.53
CA ALA D 123 30.04 -4.91 13.86
C ALA D 123 29.72 -3.40 13.86
N PRO D 124 28.76 -2.97 14.68
CA PRO D 124 28.46 -1.54 14.76
C PRO D 124 29.46 -0.74 15.58
N SER D 125 29.47 0.56 15.33
CA SER D 125 30.03 1.53 16.27
C SER D 125 28.88 2.10 17.06
N VAL D 126 29.02 2.17 18.38
CA VAL D 126 27.93 2.66 19.23
C VAL D 126 28.27 4.02 19.85
N TYR D 127 27.44 5.04 19.60
CA TYR D 127 27.75 6.39 20.04
C TYR D 127 26.70 6.94 20.99
N PRO D 128 27.15 7.58 22.09
CA PRO D 128 26.19 8.20 23.02
C PRO D 128 25.70 9.52 22.48
N LEU D 129 24.40 9.78 22.63
CA LEU D 129 23.80 11.07 22.29
C LEU D 129 23.40 11.77 23.58
N ALA D 130 24.24 12.71 23.98
CA ALA D 130 24.03 13.51 25.18
C ALA D 130 23.41 14.85 24.76
N PRO D 131 22.54 15.42 25.61
CA PRO D 131 21.91 16.66 25.20
C PRO D 131 22.91 17.80 25.05
N VAL D 132 22.45 18.85 24.37
CA VAL D 132 23.18 20.09 24.21
C VAL D 132 23.53 20.66 25.59
N CYS D 133 24.66 21.37 25.69
CA CYS D 133 25.05 22.06 26.92
C CYS D 133 23.97 23.03 27.41
N GLY D 134 23.90 23.22 28.72
CA GLY D 134 22.88 24.10 29.30
C GLY D 134 22.24 23.55 30.55
N ASP D 135 21.69 24.45 31.37
CA ASP D 135 21.06 24.12 32.65
C ASP D 135 19.68 23.50 32.48
N THR D 136 19.17 22.88 33.55
CA THR D 136 17.82 22.33 33.56
C THR D 136 16.81 23.43 33.18
N THR D 137 16.14 23.23 32.06
CA THR D 137 15.09 24.15 31.64
C THR D 137 13.93 23.27 31.22
N GLY D 138 12.86 23.32 32.01
CA GLY D 138 11.82 22.32 31.96
C GLY D 138 12.12 21.21 32.96
N SER D 139 11.39 20.11 32.86
CA SER D 139 11.57 18.98 33.78
C SER D 139 11.57 17.61 33.05
N SER D 140 12.09 17.55 31.82
CA SER D 140 12.18 16.26 31.07
C SER D 140 13.31 16.20 30.04
N VAL D 141 14.25 15.27 30.23
CA VAL D 141 15.44 15.21 29.40
C VAL D 141 15.45 13.95 28.51
N THR D 142 15.77 14.14 27.22
CA THR D 142 15.86 13.04 26.25
C THR D 142 17.33 12.75 25.93
N LEU D 143 17.68 11.47 26.02
CA LEU D 143 19.01 10.97 25.74
C LEU D 143 18.87 9.97 24.58
N GLY D 144 20.00 9.64 23.96
CA GLY D 144 19.95 8.64 22.91
C GLY D 144 21.19 7.81 22.72
N CYS D 145 21.07 6.84 21.85
CA CYS D 145 22.14 5.93 21.49
C CYS D 145 22.11 5.76 19.96
N LEU D 146 23.24 5.94 19.29
CA LEU D 146 23.31 5.77 17.82
C LEU D 146 24.13 4.50 17.52
N VAL D 147 23.51 3.56 16.82
CA VAL D 147 24.15 2.27 16.49
C VAL D 147 24.37 2.27 14.97
N LYS D 148 25.59 2.53 14.55
CA LYS D 148 25.81 2.78 13.15
C LYS D 148 26.85 1.91 12.44
N GLY D 149 26.54 1.56 11.20
CA GLY D 149 27.44 0.83 10.32
C GLY D 149 27.53 -0.67 10.59
N TYR D 150 26.40 -1.34 10.80
CA TYR D 150 26.42 -2.79 11.02
C TYR D 150 25.75 -3.61 9.92
N PHE D 151 26.09 -4.90 9.89
CA PHE D 151 25.49 -5.84 8.96
C PHE D 151 25.78 -7.25 9.45
N PRO D 152 24.80 -8.16 9.37
CA PRO D 152 23.40 -7.97 9.02
C PRO D 152 22.58 -7.51 10.24
N GLU D 153 21.27 -7.41 10.05
CA GLU D 153 20.31 -7.27 11.13
C GLU D 153 20.20 -8.61 11.84
N PRO D 154 19.77 -8.63 13.13
CA PRO D 154 19.38 -7.51 14.00
C PRO D 154 20.48 -7.05 14.97
N VAL D 155 20.20 -5.97 15.70
CA VAL D 155 20.90 -5.69 16.97
C VAL D 155 19.88 -5.80 18.09
N THR D 156 20.34 -6.04 19.32
CA THR D 156 19.49 -5.91 20.49
C THR D 156 19.89 -4.58 21.17
N LEU D 157 18.92 -3.81 21.62
CA LEU D 157 19.19 -2.58 22.36
C LEU D 157 18.31 -2.47 23.62
N THR D 158 18.94 -2.24 24.76
CA THR D 158 18.23 -1.91 26.00
C THR D 158 18.89 -0.71 26.68
N TRP D 159 18.20 -0.17 27.66
CA TRP D 159 18.69 0.91 28.51
C TRP D 159 18.75 0.45 29.95
N ASN D 160 19.90 0.63 30.61
CA ASN D 160 20.10 0.13 31.97
C ASN D 160 19.63 -1.33 32.12
N SER D 161 20.15 -2.19 31.24
CA SER D 161 19.92 -3.64 31.26
C SER D 161 18.44 -4.03 31.19
N GLY D 162 17.62 -3.13 30.66
CA GLY D 162 16.19 -3.38 30.55
C GLY D 162 15.39 -2.80 31.69
N SER D 163 16.05 -2.17 32.66
CA SER D 163 15.36 -1.58 33.81
C SER D 163 14.71 -0.25 33.43
N LEU D 164 15.00 0.23 32.23
CA LEU D 164 14.41 1.45 31.72
C LEU D 164 13.69 1.14 30.42
N SER D 165 12.36 1.05 30.50
CA SER D 165 11.52 0.66 29.36
C SER D 165 10.45 1.70 29.00
N SER D 166 9.95 2.41 30.00
CA SER D 166 9.00 3.48 29.75
C SER D 166 9.76 4.64 29.14
N GLY D 167 9.12 5.35 28.21
CA GLY D 167 9.72 6.54 27.61
C GLY D 167 10.87 6.26 26.64
N VAL D 168 10.96 5.02 26.17
CA VAL D 168 11.97 4.61 25.19
C VAL D 168 11.34 4.55 23.81
N HIS D 169 12.06 5.01 22.79
CA HIS D 169 11.70 4.79 21.40
C HIS D 169 12.92 4.22 20.67
N THR D 170 12.87 2.96 20.25
CA THR D 170 13.93 2.40 19.42
C THR D 170 13.47 2.37 17.98
N PHE D 171 14.20 3.08 17.11
CA PHE D 171 13.78 3.27 15.72
C PHE D 171 14.20 2.14 14.78
N PRO D 172 13.33 1.76 13.83
CA PRO D 172 13.75 0.76 12.84
C PRO D 172 15.05 1.19 12.13
N ALA D 173 15.99 0.25 11.95
CA ALA D 173 17.24 0.49 11.24
C ALA D 173 16.99 0.88 9.80
N VAL D 174 17.87 1.72 9.28
CA VAL D 174 17.83 2.20 7.90
C VAL D 174 19.09 1.71 7.21
N LEU D 175 18.90 1.09 6.04
CA LEU D 175 19.99 0.52 5.27
C LEU D 175 20.61 1.52 4.30
N GLN D 176 21.82 1.97 4.61
CA GLN D 176 22.58 2.87 3.70
C GLN D 176 23.98 2.33 3.35
N SER D 177 24.04 1.61 2.22
CA SER D 177 25.31 1.14 1.61
C SER D 177 25.73 -0.23 2.07
N ASP D 178 24.77 -1.15 2.21
CA ASP D 178 25.04 -2.47 2.78
C ASP D 178 25.45 -2.34 4.23
N LEU D 179 25.12 -1.19 4.85
CA LEU D 179 25.30 -0.97 6.28
C LEU D 179 24.02 -0.40 6.90
N TYR D 180 23.64 -0.92 8.06
CA TYR D 180 22.46 -0.41 8.78
C TYR D 180 22.87 0.58 9.84
N THR D 181 21.98 1.52 10.09
CA THR D 181 22.09 2.46 11.20
C THR D 181 20.74 2.50 11.94
N LEU D 182 20.82 2.44 13.27
CA LEU D 182 19.66 2.46 14.14
C LEU D 182 19.91 3.50 15.24
N SER D 183 18.85 4.14 15.75
CA SER D 183 18.95 4.96 16.97
C SER D 183 17.86 4.59 17.98
N SER D 184 18.05 5.01 19.23
CA SER D 184 17.07 4.81 20.28
C SER D 184 17.09 6.06 21.12
N SER D 185 15.91 6.54 21.52
CA SER D 185 15.80 7.61 22.50
C SER D 185 15.16 7.11 23.79
N VAL D 186 15.55 7.76 24.89
CA VAL D 186 14.94 7.51 26.20
C VAL D 186 14.70 8.87 26.83
N THR D 187 13.49 9.07 27.33
CA THR D 187 13.09 10.33 27.96
C THR D 187 12.81 10.07 29.44
N VAL D 188 13.51 10.81 30.30
CA VAL D 188 13.37 10.69 31.75
C VAL D 188 13.01 12.06 32.37
N THR D 189 12.62 12.09 33.65
CA THR D 189 12.36 13.37 34.36
C THR D 189 13.64 14.18 34.52
N SER D 190 13.52 15.51 34.60
CA SER D 190 14.74 16.33 34.59
C SER D 190 15.66 16.11 35.78
N SER D 191 15.11 15.66 36.91
CA SER D 191 15.95 15.39 38.09
C SER D 191 16.78 14.11 37.95
N THR D 192 16.27 13.13 37.22
CA THR D 192 16.94 11.82 37.01
C THR D 192 18.42 11.94 36.58
N TRP D 193 18.65 12.61 35.45
CA TRP D 193 19.97 12.60 34.80
C TRP D 193 20.59 14.00 34.79
N PRO D 194 21.93 14.13 34.98
CA PRO D 194 23.03 13.17 35.06
C PRO D 194 23.41 12.74 36.46
N SER D 195 22.62 13.13 37.46
CA SER D 195 22.87 12.70 38.84
C SER D 195 22.87 11.18 38.87
N GLN D 196 21.98 10.58 38.07
CA GLN D 196 21.85 9.13 38.01
C GLN D 196 22.26 8.54 36.63
N SER D 197 22.91 7.39 36.65
CA SER D 197 23.47 6.73 35.44
C SER D 197 22.46 6.21 34.43
N ILE D 198 22.69 6.55 33.15
CA ILE D 198 21.90 5.96 32.08
C ILE D 198 22.84 5.42 30.99
N THR D 199 22.66 4.13 30.70
CA THR D 199 23.56 3.38 29.85
C THR D 199 22.77 2.66 28.78
N CYS D 200 23.26 2.79 27.55
CA CYS D 200 22.75 2.09 26.41
C CYS D 200 23.47 0.72 26.25
N ASN D 201 22.73 -0.39 26.22
CA ASN D 201 23.34 -1.72 26.05
C ASN D 201 23.01 -2.29 24.69
N VAL D 202 24.04 -2.50 23.86
CA VAL D 202 23.87 -2.93 22.46
C VAL D 202 24.60 -4.24 22.23
N ALA D 203 23.93 -5.20 21.59
CA ALA D 203 24.57 -6.47 21.17
C ALA D 203 24.30 -6.70 19.70
N HIS D 204 25.29 -7.26 18.99
CA HIS D 204 25.16 -7.59 17.58
C HIS D 204 25.50 -9.06 17.47
N PRO D 205 24.46 -9.93 17.50
CA PRO D 205 24.74 -11.37 17.52
C PRO D 205 25.61 -11.86 16.37
N ALA D 206 25.41 -11.33 15.15
CA ALA D 206 26.20 -11.81 13.99
C ALA D 206 27.72 -11.62 14.12
N SER D 207 28.17 -10.54 14.76
CA SER D 207 29.60 -10.36 15.00
C SER D 207 30.04 -10.75 16.42
N SER D 208 29.11 -11.23 17.26
CA SER D 208 29.38 -11.55 18.69
C SER D 208 29.92 -10.37 19.49
N THR D 209 29.40 -9.21 19.17
CA THR D 209 29.84 -7.95 19.68
C THR D 209 28.82 -7.40 20.69
N LYS D 210 29.32 -6.82 21.79
CA LYS D 210 28.47 -6.22 22.83
C LYS D 210 29.16 -4.95 23.32
N VAL D 211 28.36 -3.92 23.56
CA VAL D 211 28.87 -2.65 24.08
C VAL D 211 27.83 -2.04 25.04
N ASP D 212 28.30 -1.60 26.19
CA ASP D 212 27.48 -0.84 27.13
C ASP D 212 28.01 0.57 27.14
N LYS D 213 27.21 1.53 26.68
CA LYS D 213 27.68 2.89 26.48
C LYS D 213 26.98 3.86 27.42
N LYS D 214 27.73 4.39 28.39
CA LYS D 214 27.19 5.33 29.36
C LYS D 214 27.08 6.73 28.75
N ILE D 215 25.90 7.34 28.92
CA ILE D 215 25.67 8.69 28.44
C ILE D 215 26.20 9.70 29.46
N GLU D 216 27.31 10.34 29.11
CA GLU D 216 27.95 11.35 29.94
C GLU D 216 27.48 12.76 29.56
N PRO D 217 27.40 13.68 30.54
CA PRO D 217 27.08 15.07 30.21
C PRO D 217 28.21 15.71 29.42
N ARG D 218 27.87 16.61 28.51
CA ARG D 218 28.85 17.24 27.62
C ARG D 218 29.80 18.19 28.37
#